data_4QNY
#
_entry.id   4QNY
#
_cell.length_a   56.203
_cell.length_b   86.063
_cell.length_c   82.066
_cell.angle_alpha   90.00
_cell.angle_beta   97.34
_cell.angle_gamma   90.00
#
_symmetry.space_group_name_H-M   'P 1 21 1'
#
loop_
_entity.id
_entity.type
_entity.pdbx_description
1 polymer 'Mitogen activated protein kinase, putative'
2 non-polymer 'MAGNESIUM ION'
3 non-polymer 'PHOSPHOAMINOPHOSPHONIC ACID-ADENYLATE ESTER'
4 non-polymer GLYCEROL
5 water water
#
_entity_poly.entity_id   1
_entity_poly.type   'polypeptide(L)'
_entity_poly.pdbx_seq_one_letter_code
;GMPATKSLAELQAEVCRLDDRYLLERIIGAGSYGVVIRARDTKSDNRLVAMKRVNKEIFEEVILAKRILREIKLLAHFND
DNIIGLRNILTPEDPENFDHFYIVMDIMETDLKQVLRSGQELTEAHIQFFIYQALRALHIIHSAGVIHRDITPANILVNT
NCDLKICDFGLAKEENDQGEYMTDYVTMRWYRAPELVMEDKDYSAQIDVWGIGCILGELLGSRPLFQGKDRVNQLDKIVD
VIGTPSEEDINSVGSSAAQKYLKKKSHRPQADWRQRYPTASPEALDLLRHMLVFNPKRRITVLQAMRHPFLEQLHDDADD
NLSYALFRFDENEQKTIVDVKRAIYEESVKFHNE
;
_entity_poly.pdbx_strand_id   A,B
#
loop_
_chem_comp.id
_chem_comp.type
_chem_comp.name
_chem_comp.formula
ANP non-polymer 'PHOSPHOAMINOPHOSPHONIC ACID-ADENYLATE ESTER' 'C10 H17 N6 O12 P3'
GOL non-polymer GLYCEROL 'C3 H8 O3'
MG non-polymer 'MAGNESIUM ION' 'Mg 2'
#
# COMPACT_ATOMS: atom_id res chain seq x y z
N THR A 5 15.16 32.43 4.49
CA THR A 5 14.16 32.63 5.53
C THR A 5 12.77 32.83 4.94
N LYS A 6 12.67 33.56 3.84
CA LYS A 6 11.35 33.80 3.24
C LYS A 6 11.21 33.27 1.81
N SER A 7 11.95 33.83 0.85
CA SER A 7 11.80 33.42 -0.55
C SER A 7 12.30 31.99 -0.75
N LEU A 8 11.83 31.34 -1.80
CA LEU A 8 12.21 29.96 -2.10
C LEU A 8 13.70 29.86 -2.39
N ALA A 9 14.23 30.86 -3.10
CA ALA A 9 15.66 30.89 -3.43
C ALA A 9 16.51 31.08 -2.18
N GLU A 10 16.01 31.87 -1.23
CA GLU A 10 16.72 32.08 0.03
C GLU A 10 16.73 30.80 0.84
N LEU A 11 15.63 30.06 0.79
N LEU A 11 15.63 30.07 0.78
CA LEU A 11 15.54 28.78 1.48
CA LEU A 11 15.52 28.77 1.46
C LEU A 11 16.44 27.75 0.81
C LEU A 11 16.44 27.75 0.81
N GLN A 12 16.50 27.78 -0.52
CA GLN A 12 17.33 26.86 -1.29
C GLN A 12 18.81 27.03 -0.99
N ALA A 13 19.26 28.29 -0.93
CA ALA A 13 20.64 28.59 -0.61
C ALA A 13 20.98 28.14 0.80
N GLU A 14 20.02 28.29 1.70
CA GLU A 14 20.18 27.89 3.09
C GLU A 14 20.32 26.37 3.21
N VAL A 15 19.48 25.64 2.47
CA VAL A 15 19.50 24.18 2.50
C VAL A 15 20.79 23.64 1.87
N CYS A 16 21.25 24.27 0.80
CA CYS A 16 22.47 23.86 0.12
C CYS A 16 23.70 23.94 1.03
N ARG A 17 23.68 24.88 1.97
CA ARG A 17 24.76 25.02 2.93
C ARG A 17 24.69 23.93 4.00
N LEU A 18 23.59 23.20 4.02
CA LEU A 18 23.43 22.06 4.92
C LEU A 18 23.67 20.75 4.16
N ASP A 19 22.92 20.58 3.07
CA ASP A 19 23.06 19.40 2.23
C ASP A 19 22.62 19.73 0.80
N ASP A 20 23.50 19.48 -0.16
CA ASP A 20 23.26 19.83 -1.54
C ASP A 20 22.24 18.91 -2.21
N ARG A 21 21.83 17.87 -1.49
CA ARG A 21 20.90 16.87 -2.00
C ARG A 21 19.57 17.43 -2.46
N TYR A 22 18.98 18.31 -1.65
CA TYR A 22 17.57 18.67 -1.79
C TYR A 22 17.32 19.87 -2.69
N LEU A 23 16.48 19.66 -3.69
CA LEU A 23 16.03 20.72 -4.60
C LEU A 23 14.61 21.15 -4.19
N LEU A 24 14.45 22.42 -3.87
CA LEU A 24 13.16 22.93 -3.42
C LEU A 24 12.24 23.25 -4.60
N GLU A 25 10.95 22.94 -4.44
CA GLU A 25 9.98 23.18 -5.49
C GLU A 25 8.90 24.17 -5.07
N ARG A 26 8.25 23.90 -3.95
CA ARG A 26 7.16 24.78 -3.47
C ARG A 26 6.86 24.58 -1.99
N ILE A 27 6.42 25.66 -1.35
CA ILE A 27 6.02 25.60 0.06
C ILE A 27 4.62 25.02 0.19
N ILE A 28 4.51 23.90 0.90
CA ILE A 28 3.25 23.18 1.00
C ILE A 28 2.57 23.37 2.36
N GLY A 29 3.32 23.89 3.33
CA GLY A 29 2.79 24.07 4.67
C GLY A 29 3.37 25.26 5.38
N ALA A 30 2.55 25.93 6.17
N ALA A 30 2.56 25.94 6.18
CA ALA A 30 3.00 27.07 6.97
CA ALA A 30 3.01 27.14 6.89
C ALA A 30 2.62 26.89 8.44
C ALA A 30 2.59 27.10 8.35
N GLY A 31 3.61 27.04 9.32
N GLY A 31 3.54 26.79 9.23
CA GLY A 31 3.39 26.89 10.74
CA GLY A 31 3.28 26.75 10.65
C GLY A 31 3.71 28.16 11.51
C GLY A 31 3.66 28.05 11.33
N SER A 32 3.51 28.10 12.83
N SER A 32 3.51 28.10 12.65
CA SER A 32 3.77 29.25 13.68
CA SER A 32 3.81 29.30 13.41
C SER A 32 5.27 29.45 13.89
C SER A 32 5.31 29.49 13.61
N TYR A 33 6.03 28.38 13.77
CA TYR A 33 7.47 28.44 13.98
C TYR A 33 8.27 27.79 12.84
N GLY A 34 7.75 27.89 11.62
CA GLY A 34 8.47 27.37 10.46
C GLY A 34 7.59 26.91 9.32
N VAL A 35 8.16 26.86 8.12
CA VAL A 35 7.43 26.47 6.92
C VAL A 35 7.75 25.04 6.50
N VAL A 36 6.84 24.43 5.75
CA VAL A 36 7.02 23.08 5.22
C VAL A 36 7.17 23.13 3.71
N ILE A 37 8.23 22.51 3.20
CA ILE A 37 8.58 22.65 1.79
C ILE A 37 8.62 21.31 1.03
N ARG A 38 8.05 21.31 -0.17
CA ARG A 38 8.09 20.15 -1.05
C ARG A 38 9.41 20.14 -1.82
N ALA A 39 10.25 19.14 -1.55
CA ALA A 39 11.57 19.08 -2.15
C ALA A 39 11.85 17.73 -2.81
N ARG A 40 12.80 17.73 -3.74
CA ARG A 40 13.22 16.51 -4.42
C ARG A 40 14.67 16.16 -4.06
N ASP A 41 14.90 14.91 -3.70
CA ASP A 41 16.22 14.45 -3.30
C ASP A 41 17.01 13.94 -4.50
N THR A 42 18.02 14.70 -4.91
CA THR A 42 18.75 14.43 -6.15
C THR A 42 19.62 13.17 -6.08
N LYS A 43 19.91 12.68 -4.89
CA LYS A 43 20.70 11.46 -4.74
C LYS A 43 19.79 10.24 -4.62
N SER A 44 18.55 10.46 -4.21
CA SER A 44 17.57 9.39 -4.13
C SER A 44 16.68 9.39 -5.37
N ASP A 45 17.29 9.56 -6.53
CA ASP A 45 16.59 9.49 -7.82
C ASP A 45 15.47 10.52 -7.94
N ASN A 46 15.72 11.73 -7.43
CA ASN A 46 14.76 12.83 -7.52
C ASN A 46 13.38 12.51 -6.93
N ARG A 47 13.35 11.66 -5.91
CA ARG A 47 12.10 11.33 -5.23
C ARG A 47 11.62 12.52 -4.40
N LEU A 48 10.31 12.74 -4.39
CA LEU A 48 9.73 13.84 -3.64
C LEU A 48 9.86 13.61 -2.13
N VAL A 49 10.04 14.70 -1.39
CA VAL A 49 10.28 14.63 0.04
C VAL A 49 9.83 15.94 0.71
N ALA A 50 9.35 15.85 1.94
CA ALA A 50 8.91 17.02 2.68
C ALA A 50 10.00 17.53 3.62
N MET A 51 10.17 18.85 3.65
CA MET A 51 11.16 19.47 4.52
C MET A 51 10.53 20.49 5.46
N LYS A 52 10.72 20.29 6.76
CA LYS A 52 10.12 21.15 7.76
C LYS A 52 11.17 22.03 8.43
N ARG A 53 11.13 23.33 8.14
CA ARG A 53 12.09 24.27 8.70
C ARG A 53 11.71 24.69 10.10
N VAL A 54 12.70 24.74 10.99
CA VAL A 54 12.51 25.25 12.34
C VAL A 54 13.26 26.57 12.49
N ASN A 55 12.53 27.65 12.77
CA ASN A 55 13.14 28.98 12.80
C ASN A 55 13.72 29.37 14.15
N LYS A 56 14.30 30.56 14.21
CA LYS A 56 15.07 31.02 15.36
C LYS A 56 14.25 31.16 16.65
N GLU A 57 12.95 31.38 16.50
CA GLU A 57 12.09 31.65 17.65
C GLU A 57 11.95 30.43 18.55
N ILE A 58 12.21 29.25 18.00
CA ILE A 58 12.18 28.01 18.77
C ILE A 58 13.35 27.97 19.76
N PHE A 59 14.49 28.49 19.33
CA PHE A 59 15.70 28.45 20.15
C PHE A 59 15.86 29.70 21.02
N GLU A 60 14.78 30.46 21.19
CA GLU A 60 14.79 31.61 22.09
C GLU A 60 14.26 31.19 23.46
N GLU A 61 13.39 30.19 23.46
CA GLU A 61 12.81 29.65 24.69
C GLU A 61 13.21 28.20 24.88
N VAL A 62 13.54 27.82 26.12
CA VAL A 62 13.97 26.47 26.42
C VAL A 62 12.82 25.48 26.25
N ILE A 63 11.62 25.91 26.63
CA ILE A 63 10.43 25.07 26.52
C ILE A 63 10.14 24.69 25.07
N LEU A 64 10.22 25.68 24.18
CA LEU A 64 9.97 25.47 22.76
C LEU A 64 11.00 24.53 22.14
N ALA A 65 12.26 24.70 22.53
CA ALA A 65 13.34 23.89 21.99
C ALA A 65 13.26 22.44 22.48
N LYS A 66 12.79 22.26 23.71
CA LYS A 66 12.63 20.91 24.26
C LYS A 66 11.49 20.18 23.54
N ARG A 67 10.50 20.94 23.08
CA ARG A 67 9.38 20.35 22.36
C ARG A 67 9.80 19.82 20.99
N ILE A 68 10.64 20.59 20.30
CA ILE A 68 11.06 20.20 18.95
C ILE A 68 12.02 19.02 19.03
N LEU A 69 12.82 18.96 20.08
CA LEU A 69 13.76 17.85 20.27
C LEU A 69 13.00 16.54 20.47
N ARG A 70 11.95 16.60 21.27
CA ARG A 70 11.11 15.44 21.53
C ARG A 70 10.41 14.99 20.25
N GLU A 71 10.00 15.96 19.43
CA GLU A 71 9.30 15.66 18.19
C GLU A 71 10.17 14.88 17.21
N ILE A 72 11.42 15.29 17.07
CA ILE A 72 12.37 14.59 16.21
C ILE A 72 12.64 13.19 16.75
N LYS A 73 12.82 13.09 18.07
CA LYS A 73 13.05 11.79 18.71
C LYS A 73 11.89 10.84 18.46
N LEU A 74 10.67 11.35 18.55
CA LEU A 74 9.48 10.54 18.33
C LEU A 74 9.36 10.09 16.88
N LEU A 75 9.64 10.99 15.95
CA LEU A 75 9.59 10.67 14.53
C LEU A 75 10.58 9.56 14.18
N ALA A 76 11.75 9.60 14.80
CA ALA A 76 12.76 8.57 14.58
C ALA A 76 12.41 7.29 15.35
N HIS A 77 11.63 7.46 16.41
CA HIS A 77 11.25 6.33 17.26
C HIS A 77 10.28 5.39 16.55
N PHE A 78 9.39 5.95 15.74
CA PHE A 78 8.37 5.15 15.07
C PHE A 78 8.79 4.75 13.65
N ASN A 79 8.46 3.51 13.29
CA ASN A 79 8.67 3.02 11.93
C ASN A 79 7.43 2.28 11.46
N ASP A 80 6.41 3.04 11.09
CA ASP A 80 5.12 2.48 10.74
C ASP A 80 4.51 3.21 9.55
N ASP A 81 3.63 2.52 8.82
CA ASP A 81 3.05 3.07 7.60
C ASP A 81 2.00 4.16 7.87
N ASN A 82 1.41 4.15 9.06
CA ASN A 82 0.39 5.14 9.40
C ASN A 82 0.92 6.26 10.28
N ILE A 83 2.25 6.33 10.40
CA ILE A 83 2.91 7.43 11.09
C ILE A 83 3.99 7.99 10.18
N ILE A 84 3.97 9.30 9.96
CA ILE A 84 4.88 9.94 9.02
C ILE A 84 6.34 9.66 9.40
N GLY A 85 7.12 9.25 8.39
CA GLY A 85 8.47 8.79 8.64
C GLY A 85 9.51 9.89 8.61
N LEU A 86 10.67 9.60 9.19
CA LEU A 86 11.78 10.55 9.23
C LEU A 86 12.89 10.12 8.27
N ARG A 87 13.26 11.00 7.36
CA ARG A 87 14.30 10.68 6.37
C ARG A 87 15.65 11.29 6.73
N ASN A 88 15.64 12.49 7.31
CA ASN A 88 16.89 13.18 7.63
C ASN A 88 16.72 14.32 8.63
N ILE A 89 17.83 14.71 9.25
CA ILE A 89 17.87 15.87 10.13
C ILE A 89 19.04 16.78 9.75
N LEU A 90 18.73 17.91 9.11
N LEU A 90 18.73 17.91 9.11
CA LEU A 90 19.77 18.82 8.64
CA LEU A 90 19.76 18.83 8.65
C LEU A 90 20.07 19.90 9.66
C LEU A 90 20.06 19.90 9.68
N THR A 91 21.30 19.90 10.18
CA THR A 91 21.72 20.87 11.18
C THR A 91 23.01 21.57 10.77
N PRO A 92 23.16 22.86 11.14
CA PRO A 92 24.39 23.60 10.84
C PRO A 92 25.59 23.05 11.60
N GLU A 93 26.72 22.91 10.91
CA GLU A 93 27.92 22.36 11.51
C GLU A 93 28.50 23.31 12.56
N ASP A 94 28.32 24.61 12.34
CA ASP A 94 28.83 25.62 13.26
C ASP A 94 27.78 25.99 14.30
N PRO A 95 28.08 25.75 15.59
CA PRO A 95 27.18 26.13 16.68
C PRO A 95 26.90 27.63 16.72
N GLU A 96 27.81 28.42 16.15
CA GLU A 96 27.63 29.86 16.06
C GLU A 96 26.60 30.23 14.99
N ASN A 97 26.32 29.28 14.10
CA ASN A 97 25.34 29.48 13.05
C ASN A 97 24.02 28.76 13.32
N PHE A 98 24.01 27.94 14.37
CA PHE A 98 22.83 27.15 14.68
C PHE A 98 21.71 28.01 15.25
N ASP A 99 20.92 28.61 14.36
CA ASP A 99 19.74 29.34 14.75
C ASP A 99 18.53 28.82 13.97
N HIS A 100 18.73 27.68 13.32
CA HIS A 100 17.70 27.04 12.51
C HIS A 100 18.13 25.64 12.12
N PHE A 101 17.18 24.80 11.73
CA PHE A 101 17.51 23.48 11.18
C PHE A 101 16.29 22.88 10.47
N TYR A 102 16.53 21.84 9.66
CA TYR A 102 15.49 21.26 8.83
C TYR A 102 15.12 19.83 9.23
N ILE A 103 13.83 19.54 9.23
CA ILE A 103 13.34 18.19 9.43
C ILE A 103 12.87 17.61 8.10
N VAL A 104 13.48 16.49 7.71
CA VAL A 104 13.17 15.88 6.42
C VAL A 104 12.30 14.64 6.59
N MET A 105 11.09 14.69 6.03
CA MET A 105 10.14 13.60 6.16
C MET A 105 9.65 13.10 4.81
N ASP A 106 9.00 11.94 4.81
CA ASP A 106 8.33 11.44 3.61
C ASP A 106 7.23 12.41 3.19
N ILE A 107 6.92 12.44 1.90
CA ILE A 107 5.93 13.37 1.38
C ILE A 107 4.56 12.72 1.28
N MET A 108 3.53 13.48 1.66
CA MET A 108 2.15 13.06 1.47
C MET A 108 1.44 14.10 0.61
N GLU A 109 0.38 13.67 -0.08
CA GLU A 109 -0.28 14.53 -1.06
C GLU A 109 -0.97 15.74 -0.43
N THR A 110 -1.66 15.52 0.69
CA THR A 110 -2.38 16.60 1.37
C THR A 110 -2.76 16.18 2.79
N ASP A 111 -3.62 16.95 3.44
CA ASP A 111 -4.13 16.52 4.75
C ASP A 111 -5.65 16.70 4.82
N LEU A 112 -6.25 16.26 5.93
CA LEU A 112 -7.70 16.18 6.04
C LEU A 112 -8.41 17.53 6.16
N LYS A 113 -7.77 18.54 6.75
CA LYS A 113 -8.35 19.86 6.90
C LYS A 113 -8.74 20.51 5.57
N GLN A 114 -7.70 20.70 4.71
CA GLN A 114 -7.78 20.66 3.20
C GLN A 114 -8.80 19.87 2.46
N VAL A 115 -8.80 18.56 2.70
CA VAL A 115 -9.71 17.64 2.01
C VAL A 115 -11.16 17.97 2.34
N LEU A 116 -11.39 18.28 3.61
CA LEU A 116 -12.71 18.65 4.10
C LEU A 116 -13.13 20.03 3.59
N ARG A 117 -12.17 20.94 3.51
CA ARG A 117 -12.43 22.30 3.06
C ARG A 117 -12.84 22.35 1.59
N SER A 118 -12.27 21.44 0.80
CA SER A 118 -12.61 21.35 -0.62
C SER A 118 -14.06 20.89 -0.80
N GLY A 119 -14.65 20.36 0.27
CA GLY A 119 -16.03 19.90 0.24
C GLY A 119 -16.19 18.66 -0.62
N GLN A 120 -15.10 17.95 -0.84
CA GLN A 120 -15.12 16.78 -1.71
C GLN A 120 -15.91 15.64 -1.12
N GLU A 121 -16.67 14.95 -1.98
CA GLU A 121 -17.51 13.83 -1.57
C GLU A 121 -16.70 12.63 -1.07
N LEU A 122 -17.04 12.17 0.12
CA LEU A 122 -16.38 11.01 0.71
C LEU A 122 -17.41 9.94 1.10
N THR A 123 -17.20 8.72 0.60
CA THR A 123 -18.10 7.61 0.93
C THR A 123 -17.81 7.09 2.33
N GLU A 124 -18.69 6.23 2.84
CA GLU A 124 -18.49 5.61 4.13
C GLU A 124 -17.27 4.70 4.09
N ALA A 125 -17.02 4.12 2.92
CA ALA A 125 -15.85 3.27 2.72
C ALA A 125 -14.57 4.09 2.84
N HIS A 126 -14.60 5.32 2.35
CA HIS A 126 -13.47 6.24 2.47
C HIS A 126 -13.21 6.57 3.94
N ILE A 127 -14.28 6.86 4.67
CA ILE A 127 -14.19 7.24 6.08
C ILE A 127 -13.70 6.08 6.93
N GLN A 128 -14.21 4.88 6.65
CA GLN A 128 -13.82 3.69 7.37
C GLN A 128 -12.31 3.46 7.31
N PHE A 129 -11.74 3.62 6.12
CA PHE A 129 -10.31 3.40 5.91
C PHE A 129 -9.49 4.50 6.58
N PHE A 130 -10.00 5.73 6.52
CA PHE A 130 -9.36 6.86 7.20
C PHE A 130 -9.33 6.66 8.70
N ILE A 131 -10.49 6.34 9.27
CA ILE A 131 -10.62 6.21 10.72
C ILE A 131 -9.80 5.05 11.29
N TYR A 132 -9.85 3.91 10.62
CA TYR A 132 -9.10 2.73 11.10
C TYR A 132 -7.61 2.98 11.08
N GLN A 133 -7.12 3.61 10.02
CA GLN A 133 -5.69 3.92 9.90
C GLN A 133 -5.26 4.88 11.00
N ALA A 134 -6.11 5.83 11.32
CA ALA A 134 -5.82 6.82 12.37
C ALA A 134 -5.80 6.15 13.74
N LEU A 135 -6.75 5.24 13.98
CA LEU A 135 -6.82 4.53 15.25
C LEU A 135 -5.66 3.56 15.41
N ARG A 136 -5.33 2.84 14.34
CA ARG A 136 -4.22 1.91 14.34
C ARG A 136 -2.91 2.64 14.64
N ALA A 137 -2.78 3.86 14.14
CA ALA A 137 -1.61 4.68 14.40
C ALA A 137 -1.57 5.11 15.85
N LEU A 138 -2.73 5.49 16.38
CA LEU A 138 -2.82 5.92 17.77
C LEU A 138 -2.52 4.78 18.74
N HIS A 139 -2.89 3.56 18.35
CA HIS A 139 -2.63 2.39 19.18
C HIS A 139 -1.13 2.18 19.34
N ILE A 140 -0.39 2.43 18.26
CA ILE A 140 1.06 2.29 18.27
C ILE A 140 1.71 3.37 19.13
N ILE A 141 1.26 4.60 18.93
CA ILE A 141 1.77 5.74 19.71
C ILE A 141 1.48 5.57 21.20
N HIS A 142 0.25 5.15 21.52
CA HIS A 142 -0.15 4.97 22.91
C HIS A 142 0.57 3.79 23.57
N SER A 143 0.87 2.76 22.78
CA SER A 143 1.58 1.59 23.30
C SER A 143 3.02 1.95 23.66
N ALA A 144 3.54 2.99 23.02
CA ALA A 144 4.88 3.47 23.29
C ALA A 144 4.90 4.41 24.48
N GLY A 145 3.74 4.58 25.12
CA GLY A 145 3.62 5.41 26.30
C GLY A 145 3.53 6.88 25.97
N VAL A 146 3.07 7.19 24.75
CA VAL A 146 3.02 8.57 24.28
C VAL A 146 1.60 8.99 23.93
N ILE A 147 1.23 10.20 24.33
CA ILE A 147 -0.04 10.80 23.95
C ILE A 147 0.20 11.91 22.93
N HIS A 148 -0.54 11.90 21.83
CA HIS A 148 -0.32 12.85 20.75
C HIS A 148 -0.69 14.28 21.15
N ARG A 149 -1.85 14.44 21.79
CA ARG A 149 -2.30 15.70 22.37
C ARG A 149 -2.71 16.74 21.30
N ASP A 150 -2.36 16.50 20.04
CA ASP A 150 -2.71 17.45 18.99
C ASP A 150 -3.35 16.76 17.78
N ILE A 151 -4.36 15.94 18.01
CA ILE A 151 -5.07 15.25 16.94
C ILE A 151 -6.09 16.18 16.28
N THR A 152 -5.72 16.71 15.11
CA THR A 152 -6.57 17.60 14.34
C THR A 152 -6.46 17.21 12.86
N PRO A 153 -7.48 17.57 12.05
CA PRO A 153 -7.46 17.26 10.61
C PRO A 153 -6.17 17.73 9.91
N ALA A 154 -5.64 18.87 10.33
CA ALA A 154 -4.42 19.41 9.72
C ALA A 154 -3.21 18.55 10.03
N ASN A 155 -3.27 17.81 11.13
CA ASN A 155 -2.18 16.93 11.52
C ASN A 155 -2.38 15.48 11.05
N ILE A 156 -3.30 15.32 10.10
CA ILE A 156 -3.57 14.01 9.52
C ILE A 156 -3.33 14.03 8.01
N LEU A 157 -2.24 13.38 7.57
CA LEU A 157 -1.83 13.42 6.17
C LEU A 157 -2.41 12.26 5.36
N VAL A 158 -2.90 12.55 4.16
CA VAL A 158 -3.55 11.55 3.33
C VAL A 158 -3.17 11.65 1.85
N ASN A 159 -3.33 10.53 1.13
CA ASN A 159 -3.12 10.49 -0.31
C ASN A 159 -4.42 10.18 -1.03
N THR A 160 -4.37 10.12 -2.36
CA THR A 160 -5.53 9.76 -3.17
C THR A 160 -5.79 8.26 -3.02
N ASN A 161 -4.78 7.54 -2.58
CA ASN A 161 -4.92 6.12 -2.26
C ASN A 161 -5.64 5.92 -0.93
N CYS A 162 -6.02 7.03 -0.30
CA CYS A 162 -6.64 7.05 1.02
C CYS A 162 -5.71 6.51 2.11
N ASP A 163 -4.42 6.41 1.79
CA ASP A 163 -3.42 6.05 2.79
C ASP A 163 -3.29 7.21 3.77
N LEU A 164 -3.10 6.89 5.05
CA LEU A 164 -3.13 7.90 6.10
C LEU A 164 -1.86 7.88 6.94
N LYS A 165 -1.38 9.06 7.32
CA LYS A 165 -0.21 9.18 8.19
C LYS A 165 -0.36 10.33 9.18
N ILE A 166 -0.20 10.03 10.47
CA ILE A 166 -0.29 11.03 11.52
C ILE A 166 1.02 11.80 11.65
N CYS A 167 0.94 13.12 11.74
CA CYS A 167 2.14 13.95 11.88
C CYS A 167 2.02 14.92 13.07
N ASP A 168 3.02 15.79 13.20
CA ASP A 168 3.06 16.84 14.20
C ASP A 168 3.05 16.30 15.64
N PHE A 169 4.20 15.83 16.10
CA PHE A 169 4.37 15.39 17.48
C PHE A 169 4.95 16.51 18.33
N GLY A 170 4.57 17.74 18.01
CA GLY A 170 5.12 18.92 18.68
C GLY A 170 4.57 19.16 20.07
N LEU A 171 3.43 18.57 20.39
CA LEU A 171 2.82 18.73 21.70
C LEU A 171 2.63 17.40 22.40
N ALA A 172 3.35 16.39 21.94
CA ALA A 172 3.20 15.03 22.48
C ALA A 172 3.59 14.96 23.95
N LYS A 173 2.86 14.13 24.70
CA LYS A 173 3.04 14.01 26.14
C LYS A 173 3.27 12.59 26.61
N GLU A 174 3.80 12.45 27.83
CA GLU A 174 3.94 11.16 28.48
C GLU A 174 2.57 10.62 28.88
N GLU A 175 2.41 9.30 28.86
CA GLU A 175 1.16 8.66 29.27
C GLU A 175 0.97 8.74 30.78
N GLY A 179 0.99 15.78 34.06
CA GLY A 179 -0.10 16.72 34.26
C GLY A 179 0.34 18.16 34.06
N GLU A 180 -0.09 18.77 32.96
CA GLU A 180 0.29 20.17 32.69
C GLU A 180 -0.85 21.16 32.63
N TYR A 181 -0.45 22.44 32.62
CA TYR A 181 -1.37 23.55 32.59
C TYR A 181 -1.60 24.03 31.16
N MET A 182 -2.75 23.67 30.60
CA MET A 182 -3.09 24.01 29.23
C MET A 182 -3.23 25.51 29.02
N THR A 183 -2.77 25.98 27.86
CA THR A 183 -2.79 27.41 27.55
C THR A 183 -4.07 27.83 26.83
N ASP A 184 -4.48 29.08 27.05
CA ASP A 184 -5.67 29.63 26.40
C ASP A 184 -5.29 30.45 25.16
N TYR A 185 -4.00 30.70 25.02
CA TYR A 185 -3.51 31.48 23.87
C TYR A 185 -3.24 30.54 22.70
N VAL A 186 -4.32 30.08 22.08
CA VAL A 186 -4.23 29.12 20.99
C VAL A 186 -5.07 29.54 19.79
N THR A 187 -4.69 29.05 18.61
CA THR A 187 -5.40 29.39 17.38
C THR A 187 -6.46 28.34 17.05
N MET A 188 -6.29 27.14 17.60
CA MET A 188 -7.21 26.04 17.33
C MET A 188 -7.47 25.21 18.58
N ARG A 189 -8.61 25.45 19.23
CA ARG A 189 -8.97 24.73 20.45
C ARG A 189 -10.19 23.82 20.22
N TRP A 190 -10.64 23.77 18.98
CA TRP A 190 -11.90 23.10 18.64
C TRP A 190 -11.85 21.57 18.80
N TYR A 191 -10.66 21.03 19.03
CA TYR A 191 -10.50 19.58 19.09
C TYR A 191 -10.01 19.12 20.46
N ARG A 192 -10.08 20.02 21.44
CA ARG A 192 -9.70 19.70 22.80
C ARG A 192 -10.80 18.94 23.53
N ALA A 193 -10.44 17.82 24.14
CA ALA A 193 -11.36 17.00 24.91
C ALA A 193 -11.90 17.80 26.11
N PRO A 194 -13.12 17.46 26.55
CA PRO A 194 -13.76 18.18 27.67
C PRO A 194 -12.94 18.17 28.96
N GLU A 195 -12.18 17.09 29.20
CA GLU A 195 -11.37 17.02 30.41
C GLU A 195 -10.26 18.06 30.36
N LEU A 196 -9.76 18.37 29.16
CA LEU A 196 -8.77 19.42 28.99
C LEU A 196 -9.43 20.78 29.20
N VAL A 197 -10.57 20.97 28.53
CA VAL A 197 -11.33 22.21 28.60
C VAL A 197 -11.73 22.56 30.03
N MET A 198 -12.04 21.54 30.82
CA MET A 198 -12.48 21.76 32.19
C MET A 198 -11.31 21.71 33.18
N GLU A 199 -10.10 21.85 32.65
CA GLU A 199 -8.90 22.06 33.46
C GLU A 199 -8.53 20.89 34.38
N ASP A 200 -8.78 19.67 33.91
CA ASP A 200 -8.28 18.50 34.63
C ASP A 200 -6.78 18.37 34.40
N LYS A 201 -6.01 18.51 35.47
CA LYS A 201 -4.55 18.51 35.39
C LYS A 201 -4.02 17.22 34.80
N ASP A 202 -4.52 16.08 35.28
CA ASP A 202 -4.07 14.78 34.79
C ASP A 202 -5.11 14.14 33.87
N TYR A 203 -4.69 13.85 32.65
CA TYR A 203 -5.56 13.23 31.65
C TYR A 203 -4.93 11.96 31.10
N SER A 204 -5.62 11.31 30.17
CA SER A 204 -5.14 10.06 29.60
C SER A 204 -5.08 10.12 28.08
N ALA A 205 -4.90 8.95 27.46
CA ALA A 205 -4.80 8.84 26.01
C ALA A 205 -6.18 9.00 25.34
N GLN A 206 -7.22 9.13 26.16
CA GLN A 206 -8.58 9.27 25.66
C GLN A 206 -8.81 10.61 24.97
N ILE A 207 -7.90 11.57 25.20
CA ILE A 207 -8.02 12.88 24.56
C ILE A 207 -7.73 12.79 23.07
N ASP A 208 -7.00 11.76 22.67
CA ASP A 208 -6.71 11.53 21.26
C ASP A 208 -7.92 10.90 20.57
N VAL A 209 -8.68 10.10 21.33
CA VAL A 209 -9.89 9.47 20.82
C VAL A 209 -10.93 10.54 20.54
N TRP A 210 -10.99 11.54 21.41
CA TRP A 210 -11.90 12.68 21.24
C TRP A 210 -11.62 13.40 19.93
N GLY A 211 -10.34 13.58 19.63
CA GLY A 211 -9.92 14.23 18.40
C GLY A 211 -10.36 13.46 17.17
N ILE A 212 -10.31 12.13 17.24
CA ILE A 212 -10.75 11.29 16.14
C ILE A 212 -12.26 11.40 15.94
N GLY A 213 -12.99 11.49 17.06
CA GLY A 213 -14.43 11.68 17.00
C GLY A 213 -14.80 12.97 16.31
N CYS A 214 -14.09 14.05 16.64
CA CYS A 214 -14.29 15.33 15.99
C CYS A 214 -14.03 15.22 14.49
N ILE A 215 -12.97 14.52 14.15
CA ILE A 215 -12.60 14.28 12.75
C ILE A 215 -13.65 13.42 12.06
N LEU A 216 -14.13 12.40 12.76
CA LEU A 216 -15.19 11.53 12.24
C LEU A 216 -16.46 12.33 11.98
N GLY A 217 -16.76 13.27 12.88
CA GLY A 217 -17.93 14.11 12.75
C GLY A 217 -17.89 14.98 11.51
N GLU A 218 -16.70 15.39 11.13
CA GLU A 218 -16.52 16.24 9.94
C GLU A 218 -16.49 15.40 8.67
N LEU A 219 -15.88 14.22 8.74
CA LEU A 219 -15.81 13.32 7.60
C LEU A 219 -17.19 12.85 7.18
N LEU A 220 -18.09 12.72 8.16
CA LEU A 220 -19.45 12.27 7.90
C LEU A 220 -20.31 13.36 7.26
N GLY A 221 -19.71 14.53 7.05
CA GLY A 221 -20.38 15.61 6.36
C GLY A 221 -20.75 16.77 7.26
N SER A 222 -19.75 17.46 7.79
CA SER A 222 -19.99 18.60 8.68
C SER A 222 -18.74 19.46 8.89
N ARG A 223 -18.98 20.72 9.22
CA ARG A 223 -17.92 21.61 9.68
C ARG A 223 -17.55 21.21 11.12
N PRO A 224 -16.41 21.70 11.64
CA PRO A 224 -16.01 21.41 13.03
C PRO A 224 -17.17 21.56 14.03
N LEU A 225 -17.43 20.49 14.77
CA LEU A 225 -18.61 20.41 15.63
C LEU A 225 -18.57 21.38 16.81
N PHE A 226 -17.38 21.57 17.38
CA PHE A 226 -17.25 22.37 18.60
C PHE A 226 -16.36 23.58 18.38
N GLN A 227 -16.92 24.65 17.83
CA GLN A 227 -16.15 25.84 17.48
C GLN A 227 -16.20 26.89 18.59
N GLY A 228 -15.44 26.67 19.66
CA GLY A 228 -15.37 27.63 20.74
C GLY A 228 -14.40 28.76 20.45
N LYS A 229 -14.69 29.94 20.99
CA LYS A 229 -13.82 31.10 20.82
C LYS A 229 -12.88 31.25 22.02
N ASP A 230 -13.28 30.66 23.14
CA ASP A 230 -12.44 30.63 24.34
C ASP A 230 -12.73 29.34 25.12
N ARG A 231 -12.10 29.19 26.28
CA ARG A 231 -12.20 27.96 27.04
C ARG A 231 -13.63 27.65 27.50
N VAL A 232 -14.25 28.59 28.20
CA VAL A 232 -15.61 28.41 28.68
C VAL A 232 -16.57 28.22 27.50
N ASN A 233 -16.38 29.02 26.46
CA ASN A 233 -17.20 28.91 25.26
C ASN A 233 -17.03 27.57 24.56
N GLN A 234 -15.83 27.00 24.68
CA GLN A 234 -15.55 25.68 24.12
C GLN A 234 -16.38 24.62 24.83
N LEU A 235 -16.47 24.73 26.15
CA LEU A 235 -17.27 23.81 26.95
C LEU A 235 -18.75 23.95 26.60
N ASP A 236 -19.20 25.18 26.38
CA ASP A 236 -20.58 25.44 25.99
C ASP A 236 -20.91 24.78 24.66
N LYS A 237 -19.99 24.90 23.70
CA LYS A 237 -20.18 24.33 22.36
C LYS A 237 -20.24 22.81 22.40
N ILE A 238 -19.43 22.22 23.28
CA ILE A 238 -19.41 20.77 23.43
C ILE A 238 -20.69 20.26 24.07
N VAL A 239 -21.09 20.89 25.17
CA VAL A 239 -22.29 20.49 25.90
C VAL A 239 -23.56 20.72 25.09
N ASP A 240 -23.58 21.82 24.32
CA ASP A 240 -24.73 22.13 23.48
C ASP A 240 -25.03 21.00 22.50
N VAL A 241 -24.00 20.28 22.09
CA VAL A 241 -24.16 19.19 21.14
C VAL A 241 -24.39 17.84 21.82
N ILE A 242 -23.42 17.39 22.61
CA ILE A 242 -23.51 16.05 23.19
C ILE A 242 -24.49 15.96 24.35
N GLY A 243 -24.86 17.12 24.91
CA GLY A 243 -25.86 17.15 25.96
C GLY A 243 -25.29 17.18 27.36
N THR A 244 -26.10 17.66 28.31
CA THR A 244 -25.69 17.76 29.71
C THR A 244 -25.41 16.38 30.30
N PRO A 245 -24.18 16.18 30.79
CA PRO A 245 -23.77 14.91 31.41
C PRO A 245 -24.41 14.71 32.79
N SER A 246 -24.43 13.47 33.25
CA SER A 246 -24.98 13.16 34.57
C SER A 246 -24.14 13.81 35.67
N GLU A 247 -24.73 13.96 36.85
CA GLU A 247 -24.06 14.58 37.98
C GLU A 247 -22.78 13.83 38.35
N GLU A 248 -22.83 12.50 38.26
CA GLU A 248 -21.70 11.65 38.59
C GLU A 248 -20.58 11.79 37.56
N ASP A 249 -20.93 12.10 36.32
CA ASP A 249 -19.94 12.28 35.27
C ASP A 249 -19.29 13.66 35.37
N ILE A 250 -20.09 14.67 35.71
CA ILE A 250 -19.59 16.01 35.91
C ILE A 250 -18.57 16.03 37.06
N ASN A 251 -18.89 15.32 38.13
CA ASN A 251 -18.00 15.24 39.28
C ASN A 251 -16.73 14.42 39.00
N SER A 252 -16.72 13.73 37.86
CA SER A 252 -15.60 12.86 37.53
C SER A 252 -14.54 13.57 36.69
N VAL A 253 -14.90 14.71 36.11
CA VAL A 253 -13.97 15.45 35.28
C VAL A 253 -14.05 16.95 35.56
N GLY A 254 -12.92 17.64 35.42
CA GLY A 254 -12.89 19.07 35.58
C GLY A 254 -12.39 19.55 36.93
N SER A 255 -11.97 20.81 36.97
CA SER A 255 -11.64 21.45 38.25
C SER A 255 -12.93 21.76 38.99
N SER A 256 -12.80 22.24 40.22
CA SER A 256 -13.97 22.55 41.04
C SER A 256 -14.82 23.66 40.42
N ALA A 257 -14.16 24.64 39.82
CA ALA A 257 -14.84 25.76 39.19
C ALA A 257 -15.55 25.34 37.90
N ALA A 258 -14.90 24.46 37.14
CA ALA A 258 -15.46 23.98 35.88
C ALA A 258 -16.71 23.16 36.12
N GLN A 259 -16.68 22.33 37.16
CA GLN A 259 -17.83 21.52 37.53
C GLN A 259 -18.99 22.39 38.02
N LYS A 260 -18.63 23.44 38.76
CA LYS A 260 -19.63 24.36 39.30
C LYS A 260 -20.37 25.10 38.19
N TYR A 261 -19.62 25.54 37.19
CA TYR A 261 -20.21 26.26 36.06
C TYR A 261 -21.12 25.36 35.24
N LEU A 262 -20.70 24.10 35.07
CA LEU A 262 -21.44 23.15 34.26
C LEU A 262 -22.78 22.78 34.89
N LYS A 263 -22.83 22.82 36.23
CA LYS A 263 -24.04 22.47 36.95
C LYS A 263 -25.08 23.59 36.93
N LYS A 264 -24.60 24.84 36.97
N LYS A 264 -24.61 24.84 36.95
CA LYS A 264 -25.50 25.99 36.92
CA LYS A 264 -25.54 25.97 36.93
C LYS A 264 -26.04 26.22 35.52
C LYS A 264 -25.95 26.31 35.50
N LYS A 265 -25.45 25.54 34.55
CA LYS A 265 -25.85 25.70 33.15
C LYS A 265 -27.19 25.00 32.90
N SER A 266 -27.98 25.57 31.99
CA SER A 266 -29.28 25.00 31.65
C SER A 266 -29.13 23.60 31.04
N HIS A 267 -30.13 22.76 31.23
CA HIS A 267 -30.08 21.39 30.75
C HIS A 267 -30.14 21.30 29.23
N ARG A 268 -29.15 20.64 28.65
CA ARG A 268 -29.14 20.36 27.21
C ARG A 268 -29.29 18.87 27.00
N PRO A 269 -30.30 18.46 26.23
CA PRO A 269 -30.48 17.03 25.95
C PRO A 269 -29.47 16.53 24.92
N GLN A 270 -29.22 15.22 24.92
CA GLN A 270 -28.35 14.63 23.92
C GLN A 270 -28.94 14.84 22.54
N ALA A 271 -28.25 15.62 21.71
CA ALA A 271 -28.76 15.97 20.38
C ALA A 271 -28.90 14.74 19.50
N ASP A 272 -29.74 14.88 18.48
CA ASP A 272 -30.06 13.77 17.59
C ASP A 272 -29.01 13.60 16.50
N TRP A 273 -28.18 12.57 16.64
CA TRP A 273 -27.15 12.28 15.64
C TRP A 273 -27.80 11.90 14.31
N ARG A 274 -28.95 11.24 14.40
CA ARG A 274 -29.68 10.80 13.21
C ARG A 274 -30.14 12.01 12.38
N GLN A 275 -30.48 13.09 13.06
CA GLN A 275 -30.90 14.31 12.36
C GLN A 275 -29.69 15.11 11.88
N ARG A 276 -28.58 15.00 12.60
CA ARG A 276 -27.35 15.67 12.21
C ARG A 276 -26.73 15.01 10.99
N TYR A 277 -26.95 13.70 10.85
CA TYR A 277 -26.44 12.94 9.72
C TYR A 277 -27.49 11.97 9.20
N PRO A 278 -28.40 12.45 8.34
CA PRO A 278 -29.53 11.68 7.82
C PRO A 278 -29.12 10.46 6.99
N THR A 279 -27.95 10.52 6.36
CA THR A 279 -27.52 9.48 5.43
C THR A 279 -26.61 8.46 6.11
N ALA A 280 -25.95 8.88 7.19
CA ALA A 280 -24.97 8.03 7.88
C ALA A 280 -25.58 6.73 8.40
N SER A 281 -24.76 5.68 8.40
CA SER A 281 -25.17 4.38 8.90
C SER A 281 -25.27 4.41 10.43
N PRO A 282 -26.08 3.49 11.01
CA PRO A 282 -26.19 3.40 12.46
C PRO A 282 -24.86 3.03 13.13
N GLU A 283 -24.02 2.30 12.41
CA GLU A 283 -22.72 1.90 12.92
C GLU A 283 -21.79 3.11 13.03
N ALA A 284 -21.86 4.00 12.06
CA ALA A 284 -21.04 5.21 12.05
C ALA A 284 -21.45 6.17 13.16
N LEU A 285 -22.76 6.27 13.37
CA LEU A 285 -23.29 7.21 14.35
C LEU A 285 -23.09 6.72 15.78
N ASP A 286 -22.96 5.41 15.95
CA ASP A 286 -22.67 4.86 17.27
C ASP A 286 -21.21 5.07 17.65
N LEU A 287 -20.32 4.81 16.71
CA LEU A 287 -18.89 5.02 16.91
C LEU A 287 -18.61 6.49 17.21
N LEU A 288 -19.32 7.36 16.48
CA LEU A 288 -19.20 8.80 16.68
C LEU A 288 -19.69 9.20 18.07
N ARG A 289 -20.83 8.65 18.46
CA ARG A 289 -21.41 8.91 19.77
C ARG A 289 -20.48 8.48 20.90
N HIS A 290 -19.91 7.29 20.77
CA HIS A 290 -19.06 6.72 21.81
C HIS A 290 -17.70 7.40 21.87
N MET A 291 -17.21 7.86 20.73
CA MET A 291 -15.96 8.59 20.66
C MET A 291 -16.07 9.96 21.32
N LEU A 292 -17.28 10.50 21.34
CA LEU A 292 -17.51 11.84 21.87
C LEU A 292 -18.29 11.80 23.18
N VAL A 293 -17.90 10.89 24.07
CA VAL A 293 -18.49 10.81 25.39
C VAL A 293 -17.75 11.74 26.34
N PHE A 294 -18.51 12.51 27.13
CA PHE A 294 -17.97 13.48 28.07
C PHE A 294 -16.91 12.89 28.98
N ASN A 295 -17.31 11.91 29.79
CA ASN A 295 -16.41 11.23 30.71
C ASN A 295 -15.46 10.30 29.93
N PRO A 296 -14.15 10.59 29.99
CA PRO A 296 -13.16 9.80 29.27
C PRO A 296 -13.13 8.34 29.72
N LYS A 297 -13.61 8.07 30.93
CA LYS A 297 -13.63 6.72 31.47
C LYS A 297 -14.76 5.89 30.87
N ARG A 298 -15.75 6.57 30.30
CA ARG A 298 -16.87 5.89 29.64
C ARG A 298 -16.76 6.05 28.13
N ARG A 299 -15.77 6.82 27.70
CA ARG A 299 -15.48 7.02 26.29
C ARG A 299 -14.82 5.77 25.72
N ILE A 300 -15.10 5.48 24.44
CA ILE A 300 -14.53 4.31 23.79
C ILE A 300 -13.01 4.42 23.70
N THR A 301 -12.34 3.29 23.87
CA THR A 301 -10.88 3.26 23.79
C THR A 301 -10.45 2.99 22.36
N VAL A 302 -9.15 3.12 22.09
CA VAL A 302 -8.62 2.89 20.75
C VAL A 302 -8.81 1.43 20.33
N LEU A 303 -8.51 0.50 21.24
CA LEU A 303 -8.69 -0.92 20.98
C LEU A 303 -10.15 -1.25 20.67
N GLN A 304 -11.07 -0.75 21.50
CA GLN A 304 -12.49 -0.98 21.30
C GLN A 304 -12.99 -0.35 20.00
N ALA A 305 -12.46 0.82 19.67
CA ALA A 305 -12.85 1.53 18.45
C ALA A 305 -12.42 0.76 17.21
N MET A 306 -11.24 0.13 17.29
CA MET A 306 -10.74 -0.67 16.18
C MET A 306 -11.55 -1.94 16.00
N ARG A 307 -12.20 -2.40 17.07
CA ARG A 307 -13.00 -3.62 17.03
C ARG A 307 -14.48 -3.31 16.83
N HIS A 308 -14.80 -2.02 16.69
CA HIS A 308 -16.17 -1.58 16.47
C HIS A 308 -16.71 -2.10 15.13
N PRO A 309 -17.99 -2.49 15.08
CA PRO A 309 -18.65 -3.00 13.88
C PRO A 309 -18.54 -2.08 12.66
N PHE A 310 -18.27 -0.79 12.87
CA PHE A 310 -18.16 0.15 11.76
C PHE A 310 -16.89 -0.10 10.94
N LEU A 311 -15.92 -0.77 11.56
CA LEU A 311 -14.63 -1.02 10.92
C LEU A 311 -14.35 -2.52 10.77
N GLU A 312 -15.40 -3.33 10.75
CA GLU A 312 -15.25 -4.78 10.82
C GLU A 312 -14.56 -5.39 9.60
N GLN A 313 -14.74 -4.79 8.43
CA GLN A 313 -14.13 -5.31 7.21
C GLN A 313 -12.66 -4.91 7.09
N LEU A 314 -12.18 -4.13 8.05
CA LEU A 314 -10.82 -3.62 8.01
C LEU A 314 -9.95 -4.14 9.14
N HIS A 315 -10.57 -4.51 10.26
CA HIS A 315 -9.83 -4.90 11.45
C HIS A 315 -9.11 -6.23 11.29
N ASP A 316 -7.84 -6.25 11.69
CA ASP A 316 -7.02 -7.44 11.64
C ASP A 316 -6.43 -7.73 13.02
N ASP A 317 -6.67 -8.94 13.52
CA ASP A 317 -6.22 -9.33 14.85
C ASP A 317 -4.71 -9.21 15.00
N TYR A 324 4.51 -1.92 20.56
CA TYR A 324 5.71 -1.17 20.22
C TYR A 324 6.59 -0.95 21.45
N ALA A 325 7.84 -0.56 21.22
CA ALA A 325 8.78 -0.31 22.31
C ALA A 325 8.45 0.99 23.01
N LEU A 326 8.74 1.05 24.30
CA LEU A 326 8.44 2.23 25.11
C LEU A 326 9.38 3.38 24.80
N PHE A 327 8.82 4.54 24.49
CA PHE A 327 9.62 5.74 24.27
C PHE A 327 10.14 6.27 25.60
N ARG A 328 11.45 6.49 25.69
CA ARG A 328 12.04 6.97 26.93
C ARG A 328 12.17 8.50 26.94
N PHE A 329 11.49 9.12 27.90
CA PHE A 329 11.51 10.58 28.05
C PHE A 329 12.63 11.04 28.98
N ASP A 330 13.57 11.81 28.44
CA ASP A 330 14.60 12.45 29.25
C ASP A 330 15.13 13.70 28.57
N THR A 336 19.57 23.57 29.23
CA THR A 336 19.59 24.86 28.56
C THR A 336 19.35 24.71 27.07
N ILE A 337 19.27 25.84 26.37
CA ILE A 337 19.05 25.84 24.93
C ILE A 337 20.25 25.25 24.18
N VAL A 338 21.46 25.53 24.69
CA VAL A 338 22.68 24.97 24.12
C VAL A 338 22.66 23.44 24.22
N ASP A 339 22.21 22.93 25.36
CA ASP A 339 22.15 21.50 25.60
C ASP A 339 21.16 20.82 24.66
N VAL A 340 20.11 21.53 24.30
CA VAL A 340 19.11 21.02 23.35
C VAL A 340 19.68 20.99 21.94
N LYS A 341 20.37 22.06 21.57
CA LYS A 341 20.99 22.16 20.24
C LYS A 341 21.97 21.02 20.01
N ARG A 342 22.76 20.70 21.03
CA ARG A 342 23.73 19.61 20.95
C ARG A 342 23.02 18.26 20.78
N ALA A 343 21.88 18.12 21.45
CA ALA A 343 21.10 16.89 21.38
C ALA A 343 20.48 16.70 20.01
N ILE A 344 20.12 17.83 19.37
CA ILE A 344 19.52 17.78 18.04
C ILE A 344 20.54 17.34 17.00
N TYR A 345 21.79 17.82 17.13
CA TYR A 345 22.83 17.42 16.20
C TYR A 345 23.18 15.94 16.39
N GLU A 346 23.04 15.46 17.62
CA GLU A 346 23.26 14.04 17.91
C GLU A 346 22.26 13.19 17.15
N GLU A 347 21.04 13.71 17.00
CA GLU A 347 20.00 13.04 16.23
C GLU A 347 20.29 13.13 14.74
N SER A 348 21.08 14.14 14.36
CA SER A 348 21.47 14.32 12.97
C SER A 348 22.58 13.35 12.57
N VAL A 349 23.46 13.05 13.52
CA VAL A 349 24.57 12.14 13.29
C VAL A 349 24.08 10.75 12.91
N LYS A 350 22.92 10.36 13.43
CA LYS A 350 22.34 9.04 13.20
C LYS A 350 21.99 8.79 11.73
N PHE A 351 22.20 9.78 10.88
CA PHE A 351 21.91 9.64 9.45
C PHE A 351 23.19 9.71 8.62
N THR B 5 -18.96 -29.94 -10.96
CA THR B 5 -19.81 -29.15 -10.09
C THR B 5 -20.06 -27.76 -10.68
N LYS B 6 -21.32 -27.32 -10.68
CA LYS B 6 -21.70 -26.09 -11.36
C LYS B 6 -22.15 -24.97 -10.42
N SER B 7 -23.32 -25.15 -9.81
CA SER B 7 -23.96 -24.08 -9.04
C SER B 7 -23.16 -23.66 -7.81
N LEU B 8 -23.49 -22.51 -7.25
CA LEU B 8 -22.81 -22.00 -6.07
C LEU B 8 -23.16 -22.85 -4.84
N ALA B 9 -24.40 -23.29 -4.78
CA ALA B 9 -24.87 -24.12 -3.66
C ALA B 9 -24.22 -25.49 -3.69
N GLU B 10 -23.95 -25.99 -4.90
CA GLU B 10 -23.27 -27.27 -5.06
C GLU B 10 -21.82 -27.16 -4.63
N LEU B 11 -21.18 -26.07 -5.02
CA LEU B 11 -19.81 -25.77 -4.62
C LEU B 11 -19.72 -25.59 -3.10
N GLN B 12 -20.70 -24.86 -2.56
CA GLN B 12 -20.75 -24.57 -1.12
C GLN B 12 -20.85 -25.84 -0.29
N ALA B 13 -21.74 -26.74 -0.70
CA ALA B 13 -21.91 -28.01 -0.01
C ALA B 13 -20.65 -28.86 -0.10
N GLU B 14 -19.96 -28.75 -1.22
CA GLU B 14 -18.72 -29.49 -1.44
C GLU B 14 -17.61 -28.95 -0.55
N VAL B 15 -17.57 -27.63 -0.40
CA VAL B 15 -16.57 -26.97 0.44
C VAL B 15 -16.81 -27.25 1.92
N CYS B 16 -18.10 -27.26 2.31
CA CYS B 16 -18.47 -27.52 3.69
C CYS B 16 -18.02 -28.89 4.16
N ARG B 17 -17.98 -29.85 3.24
CA ARG B 17 -17.53 -31.20 3.57
C ARG B 17 -16.02 -31.27 3.73
N LEU B 18 -15.34 -30.20 3.35
CA LEU B 18 -13.90 -30.08 3.52
C LEU B 18 -13.57 -29.21 4.73
N ASP B 19 -14.12 -28.00 4.73
CA ASP B 19 -13.92 -27.06 5.84
C ASP B 19 -15.08 -26.07 5.89
N ASP B 20 -15.72 -25.99 7.05
CA ASP B 20 -16.95 -25.21 7.20
C ASP B 20 -16.73 -23.71 7.31
N ARG B 21 -15.47 -23.29 7.40
CA ARG B 21 -15.14 -21.89 7.64
C ARG B 21 -15.32 -21.00 6.42
N TYR B 22 -15.38 -21.59 5.24
CA TYR B 22 -15.44 -20.81 4.01
C TYR B 22 -16.87 -20.64 3.48
N LEU B 23 -17.28 -19.39 3.33
CA LEU B 23 -18.62 -19.05 2.87
C LEU B 23 -18.55 -18.42 1.48
N LEU B 24 -19.08 -19.12 0.49
CA LEU B 24 -18.96 -18.69 -0.90
C LEU B 24 -19.86 -17.50 -1.23
N GLU B 25 -19.42 -16.67 -2.16
CA GLU B 25 -20.18 -15.49 -2.57
C GLU B 25 -20.41 -15.45 -4.08
N ARG B 26 -19.34 -15.53 -4.85
CA ARG B 26 -19.46 -15.45 -6.30
C ARG B 26 -18.24 -16.00 -7.04
N ILE B 27 -18.49 -16.56 -8.21
CA ILE B 27 -17.41 -17.08 -9.07
C ILE B 27 -16.69 -15.93 -9.78
N ILE B 28 -15.39 -15.83 -9.57
CA ILE B 28 -14.61 -14.72 -10.10
C ILE B 28 -13.73 -15.13 -11.28
N GLY B 29 -13.37 -16.40 -11.35
CA GLY B 29 -12.53 -16.90 -12.41
C GLY B 29 -12.95 -18.26 -12.90
N ALA B 30 -12.71 -18.53 -14.18
CA ALA B 30 -13.06 -19.82 -14.78
C ALA B 30 -11.89 -20.37 -15.58
N GLY B 31 -11.08 -21.20 -14.95
CA GLY B 31 -9.91 -21.76 -15.60
C GLY B 31 -10.23 -22.93 -16.51
N SER B 32 -9.19 -23.54 -17.06
CA SER B 32 -9.34 -24.67 -17.96
C SER B 32 -9.72 -25.94 -17.21
N TYR B 33 -9.18 -26.07 -15.99
CA TYR B 33 -9.41 -27.26 -15.19
C TYR B 33 -9.96 -26.93 -13.80
N GLY B 34 -10.72 -25.85 -13.70
CA GLY B 34 -11.32 -25.48 -12.44
C GLY B 34 -11.83 -24.06 -12.33
N VAL B 35 -12.71 -23.84 -11.36
CA VAL B 35 -13.34 -22.54 -11.16
C VAL B 35 -12.73 -21.80 -9.96
N VAL B 36 -12.50 -20.51 -10.12
CA VAL B 36 -12.01 -19.67 -9.03
C VAL B 36 -13.17 -18.94 -8.35
N ILE B 37 -13.28 -19.10 -7.04
CA ILE B 37 -14.42 -18.57 -6.30
C ILE B 37 -14.00 -17.57 -5.23
N ARG B 38 -14.83 -16.56 -5.04
CA ARG B 38 -14.64 -15.57 -3.99
C ARG B 38 -15.40 -15.97 -2.72
N ALA B 39 -14.66 -16.19 -1.63
CA ALA B 39 -15.25 -16.66 -0.39
C ALA B 39 -14.84 -15.81 0.81
N ARG B 40 -15.61 -15.90 1.89
CA ARG B 40 -15.27 -15.23 3.14
C ARG B 40 -14.91 -16.25 4.22
N ASP B 41 -13.72 -16.10 4.79
CA ASP B 41 -13.26 -16.99 5.84
C ASP B 41 -13.80 -16.53 7.20
N THR B 42 -14.78 -17.26 7.73
CA THR B 42 -15.45 -16.88 8.96
C THR B 42 -14.51 -16.96 10.17
N LYS B 43 -13.55 -17.87 10.11
CA LYS B 43 -12.56 -18.01 11.18
C LYS B 43 -11.56 -16.86 11.18
N SER B 44 -11.61 -16.03 10.14
CA SER B 44 -10.69 -14.91 10.02
C SER B 44 -11.42 -13.58 9.84
N ASP B 45 -12.35 -13.30 10.76
CA ASP B 45 -13.13 -12.06 10.76
C ASP B 45 -13.88 -11.81 9.45
N ASN B 46 -14.38 -12.89 8.84
CA ASN B 46 -15.09 -12.82 7.56
C ASN B 46 -14.28 -12.09 6.49
N ARG B 47 -12.97 -12.31 6.48
CA ARG B 47 -12.09 -11.68 5.51
C ARG B 47 -12.24 -12.32 4.14
N LEU B 48 -12.06 -11.50 3.10
CA LEU B 48 -12.18 -11.95 1.73
C LEU B 48 -11.03 -12.86 1.31
N VAL B 49 -11.35 -14.02 0.74
CA VAL B 49 -10.33 -14.95 0.25
C VAL B 49 -10.72 -15.55 -1.10
N ALA B 50 -9.71 -16.03 -1.83
CA ALA B 50 -9.92 -16.65 -3.14
C ALA B 50 -9.76 -18.16 -3.07
N MET B 51 -10.69 -18.89 -3.69
CA MET B 51 -10.64 -20.34 -3.69
C MET B 51 -10.60 -20.89 -5.11
N LYS B 52 -9.59 -21.69 -5.40
CA LYS B 52 -9.38 -22.24 -6.74
C LYS B 52 -9.64 -23.74 -6.77
N ARG B 53 -10.76 -24.13 -7.37
CA ARG B 53 -11.14 -25.54 -7.44
C ARG B 53 -10.33 -26.29 -8.50
N VAL B 54 -9.92 -27.50 -8.17
CA VAL B 54 -9.26 -28.38 -9.12
C VAL B 54 -10.16 -29.58 -9.41
N ASN B 55 -10.58 -29.74 -10.66
CA ASN B 55 -11.55 -30.79 -10.99
C ASN B 55 -10.91 -32.13 -11.34
N LYS B 56 -11.75 -33.09 -11.70
CA LYS B 56 -11.34 -34.49 -11.85
C LYS B 56 -10.40 -34.75 -13.02
N GLU B 57 -10.50 -33.94 -14.08
CA GLU B 57 -9.73 -34.17 -15.29
C GLU B 57 -8.22 -34.04 -15.06
N ILE B 58 -7.84 -33.30 -14.03
CA ILE B 58 -6.42 -33.12 -13.71
C ILE B 58 -5.85 -34.42 -13.14
N PHE B 59 -6.68 -35.16 -12.41
CA PHE B 59 -6.24 -36.42 -11.83
C PHE B 59 -6.46 -37.61 -12.76
N GLU B 60 -6.73 -37.32 -14.03
CA GLU B 60 -6.87 -38.36 -15.05
C GLU B 60 -5.54 -38.58 -15.75
N GLU B 61 -4.73 -37.53 -15.82
CA GLU B 61 -3.40 -37.61 -16.42
C GLU B 61 -2.33 -37.32 -15.38
N VAL B 62 -1.24 -38.09 -15.42
CA VAL B 62 -0.16 -37.92 -14.46
C VAL B 62 0.57 -36.59 -14.66
N ILE B 63 0.67 -36.17 -15.93
CA ILE B 63 1.35 -34.92 -16.26
C ILE B 63 0.62 -33.71 -15.68
N LEU B 64 -0.70 -33.71 -15.80
CA LEU B 64 -1.52 -32.61 -15.27
C LEU B 64 -1.44 -32.55 -13.75
N ALA B 65 -1.47 -33.72 -13.12
CA ALA B 65 -1.45 -33.80 -11.66
C ALA B 65 -0.10 -33.36 -11.09
N LYS B 66 0.98 -33.65 -11.82
CA LYS B 66 2.31 -33.24 -11.39
C LYS B 66 2.46 -31.72 -11.48
N ARG B 67 1.77 -31.12 -12.45
CA ARG B 67 1.82 -29.68 -12.62
C ARG B 67 1.13 -28.95 -11.46
N ILE B 68 -0.02 -29.47 -11.04
CA ILE B 68 -0.78 -28.82 -9.98
C ILE B 68 -0.07 -28.99 -8.64
N LEU B 69 0.64 -30.10 -8.47
CA LEU B 69 1.40 -30.34 -7.25
C LEU B 69 2.55 -29.35 -7.13
N ARG B 70 3.21 -29.11 -8.26
CA ARG B 70 4.31 -28.15 -8.29
C ARG B 70 3.81 -26.74 -8.04
N GLU B 71 2.64 -26.42 -8.56
CA GLU B 71 2.06 -25.10 -8.42
C GLU B 71 1.77 -24.76 -6.95
N ILE B 72 1.21 -25.71 -6.22
CA ILE B 72 0.93 -25.52 -4.80
C ILE B 72 2.22 -25.40 -4.00
N LYS B 73 3.18 -26.26 -4.32
CA LYS B 73 4.50 -26.20 -3.69
C LYS B 73 5.15 -24.84 -3.87
N LEU B 74 5.03 -24.29 -5.08
CA LEU B 74 5.60 -22.99 -5.39
C LEU B 74 4.89 -21.86 -4.66
N LEU B 75 3.56 -21.96 -4.59
CA LEU B 75 2.76 -20.97 -3.87
C LEU B 75 3.14 -20.91 -2.40
N ALA B 76 3.33 -22.08 -1.79
CA ALA B 76 3.74 -22.17 -0.40
C ALA B 76 5.21 -21.77 -0.26
N HIS B 77 5.97 -21.93 -1.34
CA HIS B 77 7.39 -21.63 -1.33
C HIS B 77 7.68 -20.15 -1.20
N PHE B 78 6.82 -19.32 -1.81
CA PHE B 78 7.01 -17.88 -1.81
C PHE B 78 6.20 -17.19 -0.72
N ASN B 79 6.79 -16.16 -0.12
CA ASN B 79 6.11 -15.33 0.87
C ASN B 79 6.44 -13.87 0.61
N ASP B 80 5.76 -13.27 -0.37
CA ASP B 80 6.12 -11.93 -0.83
C ASP B 80 4.89 -11.11 -1.23
N ASP B 81 5.02 -9.79 -1.20
CA ASP B 81 3.92 -8.88 -1.52
C ASP B 81 3.48 -8.93 -2.98
N ASN B 82 4.40 -9.26 -3.88
CA ASN B 82 4.08 -9.24 -5.30
C ASN B 82 3.89 -10.63 -5.90
N ILE B 83 3.75 -11.63 -5.03
CA ILE B 83 3.42 -12.99 -5.46
C ILE B 83 2.23 -13.46 -4.64
N ILE B 84 1.17 -13.92 -5.32
CA ILE B 84 -0.07 -14.28 -4.65
C ILE B 84 0.18 -15.36 -3.59
N GLY B 85 -0.33 -15.09 -2.38
CA GLY B 85 -0.05 -15.94 -1.24
C GLY B 85 -0.95 -17.15 -1.10
N LEU B 86 -0.48 -18.13 -0.35
CA LEU B 86 -1.25 -19.35 -0.11
C LEU B 86 -1.83 -19.35 1.30
N ARG B 87 -3.15 -19.49 1.40
CA ARG B 87 -3.82 -19.45 2.70
C ARG B 87 -4.12 -20.86 3.22
N ASN B 88 -4.52 -21.75 2.32
CA ASN B 88 -4.92 -23.10 2.73
C ASN B 88 -4.99 -24.08 1.57
N ILE B 89 -4.96 -25.37 1.88
CA ILE B 89 -5.15 -26.43 0.90
C ILE B 89 -6.22 -27.41 1.39
N LEU B 90 -7.37 -27.43 0.73
CA LEU B 90 -8.48 -28.27 1.16
C LEU B 90 -8.54 -29.58 0.39
N THR B 91 -8.33 -30.68 1.09
CA THR B 91 -8.28 -32.02 0.48
C THR B 91 -9.23 -32.98 1.18
N PRO B 92 -10.00 -33.77 0.41
CA PRO B 92 -10.87 -34.81 0.96
C PRO B 92 -10.11 -35.79 1.85
N GLU B 93 -10.68 -36.11 3.00
CA GLU B 93 -10.02 -36.99 3.97
C GLU B 93 -9.95 -38.43 3.49
N ASP B 94 -10.99 -38.90 2.82
CA ASP B 94 -11.00 -40.25 2.28
C ASP B 94 -10.51 -40.25 0.84
N PRO B 95 -9.47 -41.03 0.56
CA PRO B 95 -8.86 -41.17 -0.78
C PRO B 95 -9.81 -41.78 -1.81
N GLU B 96 -10.91 -42.38 -1.38
CA GLU B 96 -11.83 -43.04 -2.30
C GLU B 96 -12.62 -42.04 -3.16
N ASN B 97 -12.77 -40.81 -2.67
CA ASN B 97 -13.39 -39.77 -3.47
C ASN B 97 -12.55 -38.50 -3.52
N PHE B 98 -11.24 -38.66 -3.43
CA PHE B 98 -10.32 -37.56 -3.73
C PHE B 98 -10.23 -37.43 -5.25
N ASP B 99 -11.22 -36.76 -5.83
CA ASP B 99 -11.26 -36.54 -7.26
C ASP B 99 -11.27 -35.04 -7.54
N HIS B 100 -11.04 -34.27 -6.48
CA HIS B 100 -11.04 -32.81 -6.55
C HIS B 100 -10.43 -32.26 -5.27
N PHE B 101 -10.00 -31.00 -5.32
CA PHE B 101 -9.56 -30.30 -4.12
C PHE B 101 -9.50 -28.80 -4.37
N TYR B 102 -9.37 -28.04 -3.29
CA TYR B 102 -9.41 -26.59 -3.38
C TYR B 102 -8.09 -25.94 -2.98
N ILE B 103 -7.74 -24.87 -3.70
CA ILE B 103 -6.58 -24.04 -3.37
C ILE B 103 -7.06 -22.69 -2.84
N VAL B 104 -6.70 -22.36 -1.61
CA VAL B 104 -7.15 -21.11 -1.00
C VAL B 104 -6.04 -20.08 -0.99
N MET B 105 -6.29 -18.95 -1.65
CA MET B 105 -5.31 -17.88 -1.78
C MET B 105 -5.86 -16.54 -1.28
N ASP B 106 -4.97 -15.56 -1.12
CA ASP B 106 -5.39 -14.20 -0.83
C ASP B 106 -6.18 -13.65 -2.01
N ILE B 107 -7.12 -12.75 -1.74
CA ILE B 107 -7.97 -12.22 -2.79
C ILE B 107 -7.37 -10.99 -3.44
N MET B 108 -7.60 -10.84 -4.74
CA MET B 108 -7.25 -9.63 -5.46
C MET B 108 -8.49 -9.18 -6.24
N GLU B 109 -8.60 -7.88 -6.49
CA GLU B 109 -9.83 -7.32 -7.04
C GLU B 109 -10.05 -7.70 -8.51
N THR B 110 -8.97 -7.72 -9.29
CA THR B 110 -9.07 -8.08 -10.71
C THR B 110 -7.70 -8.42 -11.30
N ASP B 111 -7.66 -8.59 -12.62
CA ASP B 111 -6.40 -8.85 -13.30
C ASP B 111 -6.20 -7.86 -14.45
N LEU B 112 -4.99 -7.86 -15.02
CA LEU B 112 -4.65 -6.90 -16.07
C LEU B 112 -5.42 -7.13 -17.37
N LYS B 113 -5.79 -8.38 -17.65
CA LYS B 113 -6.51 -8.69 -18.86
C LYS B 113 -7.85 -7.98 -18.90
N GLN B 114 -8.52 -7.92 -17.75
CA GLN B 114 -9.81 -7.26 -17.65
C GLN B 114 -9.66 -5.75 -17.55
N VAL B 115 -8.56 -5.32 -16.93
CA VAL B 115 -8.24 -3.89 -16.84
C VAL B 115 -7.97 -3.32 -18.23
N LEU B 116 -7.22 -4.08 -19.03
CA LEU B 116 -6.91 -3.68 -20.40
C LEU B 116 -8.13 -3.79 -21.30
N ARG B 117 -8.98 -4.76 -21.03
CA ARG B 117 -10.15 -5.01 -21.86
C ARG B 117 -11.24 -3.96 -21.65
N SER B 118 -11.18 -3.28 -20.51
CA SER B 118 -12.14 -2.22 -20.21
C SER B 118 -11.78 -0.94 -20.95
N GLY B 119 -10.55 -0.90 -21.47
CA GLY B 119 -10.05 0.27 -22.17
C GLY B 119 -9.78 1.40 -21.21
N GLN B 120 -9.53 1.06 -19.95
CA GLN B 120 -9.30 2.04 -18.89
C GLN B 120 -8.07 2.90 -19.18
N GLU B 121 -8.18 4.19 -18.86
CA GLU B 121 -7.06 5.11 -19.03
C GLU B 121 -6.04 4.91 -17.90
N LEU B 122 -4.81 4.62 -18.29
CA LEU B 122 -3.72 4.41 -17.33
C LEU B 122 -2.57 5.38 -17.57
N THR B 123 -2.15 6.06 -16.52
CA THR B 123 -1.03 7.00 -16.62
C THR B 123 0.29 6.26 -16.67
N GLU B 124 1.36 6.98 -16.99
CA GLU B 124 2.71 6.42 -16.97
C GLU B 124 3.08 6.01 -15.56
N ALA B 125 2.57 6.75 -14.57
CA ALA B 125 2.82 6.45 -13.18
C ALA B 125 2.19 5.12 -12.78
N HIS B 126 1.01 4.84 -13.32
CA HIS B 126 0.34 3.57 -13.09
C HIS B 126 1.15 2.42 -13.67
N ILE B 127 1.65 2.62 -14.88
CA ILE B 127 2.42 1.60 -15.59
C ILE B 127 3.76 1.34 -14.89
N GLN B 128 4.41 2.41 -14.45
CA GLN B 128 5.68 2.30 -13.73
C GLN B 128 5.56 1.41 -12.51
N PHE B 129 4.49 1.60 -11.74
CA PHE B 129 4.27 0.83 -10.53
C PHE B 129 3.89 -0.61 -10.86
N PHE B 130 3.12 -0.78 -11.94
CA PHE B 130 2.76 -2.12 -12.40
C PHE B 130 3.99 -2.91 -12.84
N ILE B 131 4.78 -2.30 -13.72
CA ILE B 131 5.94 -2.97 -14.30
C ILE B 131 7.00 -3.31 -13.26
N TYR B 132 7.28 -2.38 -12.36
CA TYR B 132 8.31 -2.62 -11.34
C TYR B 132 7.92 -3.73 -10.39
N GLN B 133 6.65 -3.74 -9.98
CA GLN B 133 6.14 -4.78 -9.10
C GLN B 133 6.24 -6.16 -9.75
N ALA B 134 5.94 -6.21 -11.05
CA ALA B 134 6.00 -7.46 -11.80
C ALA B 134 7.44 -7.96 -11.94
N LEU B 135 8.34 -7.07 -12.30
CA LEU B 135 9.76 -7.39 -12.42
C LEU B 135 10.32 -7.81 -11.07
N ARG B 136 9.89 -7.11 -10.03
CA ARG B 136 10.32 -7.38 -8.66
C ARG B 136 9.97 -8.82 -8.28
N ALA B 137 8.75 -9.23 -8.62
CA ALA B 137 8.29 -10.58 -8.35
C ALA B 137 9.10 -11.60 -9.15
N LEU B 138 9.35 -11.27 -10.43
CA LEU B 138 10.11 -12.16 -11.30
C LEU B 138 11.52 -12.39 -10.80
N HIS B 139 12.13 -11.35 -10.25
CA HIS B 139 13.48 -11.44 -9.69
C HIS B 139 13.51 -12.47 -8.56
N ILE B 140 12.47 -12.46 -7.74
CA ILE B 140 12.34 -13.41 -6.64
C ILE B 140 12.12 -14.82 -7.15
N ILE B 141 11.24 -14.95 -8.14
CA ILE B 141 10.93 -16.24 -8.74
C ILE B 141 12.16 -16.82 -9.43
N HIS B 142 12.89 -15.97 -10.15
CA HIS B 142 14.08 -16.41 -10.88
C HIS B 142 15.23 -16.75 -9.94
N SER B 143 15.32 -16.04 -8.82
CA SER B 143 16.36 -16.30 -7.83
C SER B 143 16.12 -17.63 -7.14
N ALA B 144 14.89 -18.12 -7.20
CA ALA B 144 14.54 -19.41 -6.64
C ALA B 144 14.82 -20.54 -7.63
N GLY B 145 15.41 -20.18 -8.77
CA GLY B 145 15.71 -21.14 -9.81
C GLY B 145 14.48 -21.59 -10.56
N VAL B 146 13.47 -20.72 -10.59
CA VAL B 146 12.19 -21.04 -11.23
C VAL B 146 11.84 -20.06 -12.34
N ILE B 147 11.38 -20.60 -13.47
CA ILE B 147 10.88 -19.78 -14.56
C ILE B 147 9.35 -19.90 -14.61
N HIS B 148 8.66 -18.77 -14.69
CA HIS B 148 7.20 -18.74 -14.68
C HIS B 148 6.61 -19.32 -15.96
N ARG B 149 7.13 -18.86 -17.10
CA ARG B 149 6.78 -19.36 -18.44
C ARG B 149 5.34 -19.04 -18.88
N ASP B 150 4.52 -18.53 -17.98
CA ASP B 150 3.15 -18.17 -18.37
C ASP B 150 2.81 -16.74 -17.96
N ILE B 151 3.72 -15.81 -18.26
CA ILE B 151 3.50 -14.40 -17.97
C ILE B 151 2.53 -13.79 -19.01
N THR B 152 1.28 -13.64 -18.59
CA THR B 152 0.24 -13.03 -19.42
C THR B 152 -0.56 -12.07 -18.55
N PRO B 153 -1.28 -11.11 -19.17
CA PRO B 153 -2.12 -10.18 -18.39
C PRO B 153 -3.10 -10.88 -17.45
N ALA B 154 -3.63 -12.01 -17.88
CA ALA B 154 -4.60 -12.76 -17.07
C ALA B 154 -3.95 -13.35 -15.82
N ASN B 155 -2.64 -13.57 -15.88
CA ASN B 155 -1.91 -14.14 -14.75
C ASN B 155 -1.26 -13.06 -13.89
N ILE B 156 -1.68 -11.82 -14.10
CA ILE B 156 -1.20 -10.69 -13.30
C ILE B 156 -2.37 -10.06 -12.55
N LEU B 157 -2.39 -10.22 -11.23
CA LEU B 157 -3.49 -9.73 -10.41
C LEU B 157 -3.22 -8.34 -9.87
N VAL B 158 -4.24 -7.47 -9.90
CA VAL B 158 -4.09 -6.08 -9.46
C VAL B 158 -5.28 -5.57 -8.66
N ASN B 159 -5.03 -4.53 -7.85
CA ASN B 159 -6.09 -3.84 -7.13
C ASN B 159 -6.23 -2.40 -7.64
N THR B 160 -7.15 -1.66 -7.03
CA THR B 160 -7.32 -0.25 -7.38
C THR B 160 -6.18 0.57 -6.77
N ASN B 161 -5.52 -0.01 -5.78
CA ASN B 161 -4.32 0.60 -5.18
C ASN B 161 -3.12 0.42 -6.10
N CYS B 162 -3.35 -0.24 -7.22
CA CYS B 162 -2.30 -0.60 -8.20
C CYS B 162 -1.29 -1.58 -7.62
N ASP B 163 -1.65 -2.23 -6.51
CA ASP B 163 -0.83 -3.31 -5.97
C ASP B 163 -0.90 -4.49 -6.92
N LEU B 164 0.24 -5.16 -7.11
CA LEU B 164 0.34 -6.20 -8.13
C LEU B 164 0.83 -7.52 -7.55
N LYS B 165 0.23 -8.62 -8.01
CA LYS B 165 0.62 -9.96 -7.57
C LYS B 165 0.58 -10.95 -8.73
N ILE B 166 1.69 -11.67 -8.92
CA ILE B 166 1.78 -12.67 -9.98
C ILE B 166 1.15 -13.99 -9.54
N CYS B 167 0.32 -14.58 -10.40
CA CYS B 167 -0.33 -15.84 -10.09
C CYS B 167 -0.12 -16.89 -11.18
N ASP B 168 -0.75 -18.04 -10.99
CA ASP B 168 -0.73 -19.14 -11.96
C ASP B 168 0.67 -19.70 -12.21
N PHE B 169 1.15 -20.52 -11.28
CA PHE B 169 2.41 -21.24 -11.45
C PHE B 169 2.16 -22.63 -12.01
N GLY B 170 1.17 -22.75 -12.89
CA GLY B 170 0.77 -24.03 -13.43
C GLY B 170 1.70 -24.56 -14.51
N LEU B 171 2.46 -23.66 -15.13
CA LEU B 171 3.41 -24.05 -16.17
C LEU B 171 4.83 -23.64 -15.79
N ALA B 172 5.08 -23.42 -14.50
CA ALA B 172 6.39 -22.97 -14.05
C ALA B 172 7.46 -24.03 -14.29
N LYS B 173 8.70 -23.58 -14.46
CA LYS B 173 9.78 -24.47 -14.88
C LYS B 173 11.05 -24.42 -14.04
N GLU B 174 11.83 -25.48 -14.15
CA GLU B 174 13.21 -25.50 -13.68
C GLU B 174 14.00 -24.44 -14.45
N GLU B 175 15.00 -23.85 -13.82
CA GLU B 175 15.73 -22.74 -14.43
C GLU B 175 16.47 -23.14 -15.71
N ASN B 176 16.92 -24.38 -15.80
CA ASN B 176 17.73 -24.79 -16.95
C ASN B 176 17.60 -26.24 -17.40
N ASP B 177 16.72 -27.01 -16.78
CA ASP B 177 16.59 -28.42 -17.13
C ASP B 177 15.84 -28.62 -18.45
N GLN B 178 15.60 -27.53 -19.17
CA GLN B 178 14.89 -27.57 -20.44
C GLN B 178 13.49 -28.17 -20.27
N TYR B 181 8.86 -29.62 -25.02
CA TYR B 181 8.13 -29.82 -26.27
C TYR B 181 6.87 -28.98 -26.30
N MET B 182 7.05 -27.66 -26.41
CA MET B 182 5.96 -26.69 -26.39
C MET B 182 4.80 -27.06 -27.32
N THR B 183 3.59 -27.03 -26.78
CA THR B 183 2.41 -27.48 -27.52
C THR B 183 1.84 -26.40 -28.42
N ASP B 184 1.30 -26.82 -29.56
CA ASP B 184 0.65 -25.91 -30.49
C ASP B 184 -0.85 -25.82 -30.19
N TYR B 185 -1.32 -26.74 -29.36
CA TYR B 185 -2.72 -26.77 -28.98
C TYR B 185 -2.97 -25.88 -27.77
N VAL B 186 -2.94 -24.57 -28.01
CA VAL B 186 -3.10 -23.58 -26.95
C VAL B 186 -4.09 -22.49 -27.35
N THR B 187 -4.73 -21.90 -26.34
CA THR B 187 -5.71 -20.85 -26.57
C THR B 187 -5.07 -19.46 -26.58
N MET B 188 -3.88 -19.37 -25.98
CA MET B 188 -3.18 -18.08 -25.90
C MET B 188 -1.68 -18.24 -26.09
N ARG B 189 -1.21 -17.95 -27.31
CA ARG B 189 0.20 -18.08 -27.65
C ARG B 189 0.84 -16.73 -27.91
N TRP B 190 0.05 -15.66 -27.71
CA TRP B 190 0.46 -14.31 -28.08
C TRP B 190 1.61 -13.75 -27.25
N TYR B 191 1.95 -14.43 -26.16
CA TYR B 191 2.94 -13.90 -25.24
C TYR B 191 4.17 -14.79 -25.15
N ARG B 192 4.26 -15.73 -26.09
CA ARG B 192 5.42 -16.61 -26.16
C ARG B 192 6.61 -15.91 -26.81
N ALA B 193 7.77 -16.04 -26.18
CA ALA B 193 9.00 -15.45 -26.68
C ALA B 193 9.40 -16.09 -28.01
N PRO B 194 10.09 -15.33 -28.87
CA PRO B 194 10.51 -15.84 -30.19
C PRO B 194 11.32 -17.11 -30.12
N GLU B 195 12.10 -17.29 -29.05
CA GLU B 195 12.88 -18.51 -28.90
C GLU B 195 11.95 -19.72 -28.72
N LEU B 196 10.88 -19.54 -27.97
CA LEU B 196 9.88 -20.59 -27.81
C LEU B 196 9.17 -20.87 -29.12
N VAL B 197 8.81 -19.80 -29.83
CA VAL B 197 8.10 -19.89 -31.10
C VAL B 197 8.96 -20.59 -32.16
N MET B 198 10.26 -20.31 -32.14
CA MET B 198 11.16 -20.90 -33.12
C MET B 198 11.72 -22.24 -32.66
N GLU B 199 11.08 -22.83 -31.66
CA GLU B 199 11.35 -24.20 -31.22
C GLU B 199 12.75 -24.37 -30.64
N ASP B 200 13.16 -23.42 -29.81
CA ASP B 200 14.42 -23.55 -29.08
C ASP B 200 14.25 -24.63 -28.01
N LYS B 201 15.12 -25.63 -28.01
CA LYS B 201 15.03 -26.74 -27.07
C LYS B 201 15.23 -26.25 -25.64
N ASP B 202 16.35 -25.57 -25.40
CA ASP B 202 16.62 -25.01 -24.08
C ASP B 202 16.50 -23.49 -24.11
N TYR B 203 15.86 -22.95 -23.08
CA TYR B 203 15.67 -21.50 -22.97
C TYR B 203 15.99 -21.03 -21.57
N SER B 204 15.84 -19.73 -21.32
CA SER B 204 16.17 -19.15 -20.02
C SER B 204 15.02 -18.32 -19.47
N ALA B 205 15.30 -17.61 -18.38
CA ALA B 205 14.29 -16.81 -17.71
C ALA B 205 13.94 -15.55 -18.50
N GLN B 206 14.61 -15.37 -19.64
CA GLN B 206 14.37 -14.21 -20.50
C GLN B 206 13.01 -14.29 -21.18
N ILE B 207 12.38 -15.46 -21.15
CA ILE B 207 11.06 -15.63 -21.75
C ILE B 207 9.99 -14.96 -20.89
N ASP B 208 10.30 -14.74 -19.62
CA ASP B 208 9.40 -14.02 -18.73
C ASP B 208 9.54 -12.51 -18.95
N VAL B 209 10.73 -12.10 -19.36
CA VAL B 209 10.99 -10.69 -19.67
C VAL B 209 10.20 -10.29 -20.91
N TRP B 210 10.15 -11.19 -21.88
CA TRP B 210 9.40 -10.96 -23.11
C TRP B 210 7.92 -10.76 -22.82
N GLY B 211 7.39 -11.56 -21.90
CA GLY B 211 5.99 -11.46 -21.49
C GLY B 211 5.68 -10.09 -20.91
N ILE B 212 6.57 -9.59 -20.05
CA ILE B 212 6.40 -8.27 -19.45
C ILE B 212 6.42 -7.18 -20.52
N GLY B 213 7.30 -7.35 -21.50
CA GLY B 213 7.36 -6.45 -22.64
C GLY B 213 6.03 -6.40 -23.39
N CYS B 214 5.47 -7.58 -23.64
CA CYS B 214 4.16 -7.69 -24.26
C CYS B 214 3.10 -6.96 -23.45
N ILE B 215 3.17 -7.14 -22.13
CA ILE B 215 2.25 -6.48 -21.21
C ILE B 215 2.48 -4.96 -21.20
N LEU B 216 3.74 -4.56 -21.20
CA LEU B 216 4.10 -3.14 -21.24
C LEU B 216 3.56 -2.48 -22.50
N GLY B 217 3.62 -3.20 -23.62
CA GLY B 217 3.13 -2.69 -24.88
C GLY B 217 1.63 -2.42 -24.88
N GLU B 218 0.90 -3.19 -24.09
CA GLU B 218 -0.55 -3.02 -24.01
C GLU B 218 -0.93 -1.94 -23.00
N LEU B 219 -0.23 -1.92 -21.87
CA LEU B 219 -0.46 -0.92 -20.83
C LEU B 219 -0.22 0.49 -21.37
N LEU B 220 0.72 0.60 -22.30
CA LEU B 220 1.04 1.89 -22.92
C LEU B 220 -0.05 2.35 -23.88
N GLY B 221 -1.07 1.52 -24.07
CA GLY B 221 -2.22 1.89 -24.87
C GLY B 221 -2.30 1.16 -26.19
N SER B 222 -2.45 -0.16 -26.13
CA SER B 222 -2.55 -0.96 -27.34
C SER B 222 -3.15 -2.33 -27.10
N ARG B 223 -3.60 -2.95 -28.19
CA ARG B 223 -4.03 -4.34 -28.20
C ARG B 223 -2.81 -5.25 -28.01
N PRO B 224 -3.04 -6.56 -27.81
CA PRO B 224 -1.90 -7.49 -27.87
C PRO B 224 -1.09 -7.31 -29.15
N LEU B 225 0.22 -7.12 -29.00
CA LEU B 225 1.08 -6.76 -30.13
C LEU B 225 1.27 -7.90 -31.12
N PHE B 226 1.37 -9.12 -30.62
CA PHE B 226 1.69 -10.26 -31.47
C PHE B 226 0.58 -11.31 -31.46
N GLN B 227 -0.45 -11.10 -32.28
CA GLN B 227 -1.62 -11.98 -32.28
C GLN B 227 -1.52 -13.05 -33.36
N GLY B 228 -0.75 -14.11 -33.08
CA GLY B 228 -0.60 -15.21 -34.00
C GLY B 228 -1.68 -16.26 -33.82
N LYS B 229 -2.11 -16.86 -34.92
CA LYS B 229 -3.15 -17.87 -34.89
C LYS B 229 -2.55 -19.27 -34.82
N ASP B 230 -1.28 -19.37 -35.20
CA ASP B 230 -0.52 -20.62 -35.09
C ASP B 230 0.94 -20.30 -34.84
N ARG B 231 1.78 -21.32 -34.78
CA ARG B 231 3.19 -21.14 -34.44
C ARG B 231 3.94 -20.30 -35.47
N VAL B 232 3.84 -20.68 -36.74
CA VAL B 232 4.51 -19.96 -37.82
C VAL B 232 3.96 -18.53 -37.94
N ASN B 233 2.64 -18.42 -37.84
CA ASN B 233 1.99 -17.11 -37.90
C ASN B 233 2.37 -16.23 -36.72
N GLN B 234 2.66 -16.85 -35.58
CA GLN B 234 3.10 -16.12 -34.39
C GLN B 234 4.47 -15.48 -34.63
N LEU B 235 5.35 -16.21 -35.31
CA LEU B 235 6.66 -15.68 -35.65
C LEU B 235 6.54 -14.51 -36.61
N ASP B 236 5.64 -14.64 -37.58
CA ASP B 236 5.39 -13.58 -38.55
C ASP B 236 4.90 -12.31 -37.86
N LYS B 237 3.98 -12.47 -36.91
CA LYS B 237 3.43 -11.34 -36.17
C LYS B 237 4.50 -10.62 -35.34
N ILE B 238 5.41 -11.39 -34.77
CA ILE B 238 6.50 -10.83 -33.98
C ILE B 238 7.47 -10.05 -34.86
N VAL B 239 7.90 -10.67 -35.94
CA VAL B 239 8.89 -10.06 -36.85
C VAL B 239 8.30 -8.86 -37.59
N ASP B 240 7.02 -8.94 -37.95
CA ASP B 240 6.35 -7.82 -38.61
C ASP B 240 6.42 -6.54 -37.79
N VAL B 241 6.43 -6.68 -36.47
CA VAL B 241 6.49 -5.53 -35.58
C VAL B 241 7.93 -5.12 -35.31
N ILE B 242 8.67 -5.94 -34.56
CA ILE B 242 10.01 -5.58 -34.11
C ILE B 242 11.04 -5.49 -35.24
N GLY B 243 10.75 -6.13 -36.36
CA GLY B 243 11.62 -6.05 -37.53
C GLY B 243 12.52 -7.26 -37.72
N THR B 244 13.05 -7.40 -38.93
CA THR B 244 13.92 -8.52 -39.28
C THR B 244 15.25 -8.45 -38.51
N PRO B 245 15.56 -9.51 -37.75
CA PRO B 245 16.80 -9.59 -36.98
C PRO B 245 18.01 -9.84 -37.87
N SER B 246 19.20 -9.49 -37.39
CA SER B 246 20.43 -9.76 -38.13
C SER B 246 20.63 -11.26 -38.27
N GLU B 247 21.37 -11.64 -39.30
N GLU B 247 21.38 -11.69 -39.28
CA GLU B 247 21.74 -13.03 -39.56
CA GLU B 247 21.62 -13.12 -39.48
C GLU B 247 22.37 -13.66 -38.32
C GLU B 247 22.41 -13.70 -38.30
N GLU B 248 23.16 -12.84 -37.63
CA GLU B 248 23.88 -13.22 -36.42
C GLU B 248 22.91 -13.69 -35.34
N ASP B 249 21.80 -12.96 -35.22
CA ASP B 249 20.81 -13.22 -34.19
C ASP B 249 19.86 -14.35 -34.59
N ILE B 250 19.55 -14.42 -35.88
CA ILE B 250 18.71 -15.49 -36.40
C ILE B 250 19.36 -16.85 -36.16
N ASN B 251 20.67 -16.92 -36.40
CA ASN B 251 21.42 -18.16 -36.20
C ASN B 251 21.63 -18.47 -34.72
N SER B 252 21.25 -17.55 -33.85
CA SER B 252 21.45 -17.72 -32.42
C SER B 252 20.22 -18.26 -31.71
N VAL B 253 19.08 -18.26 -32.40
CA VAL B 253 17.83 -18.69 -31.77
C VAL B 253 17.01 -19.63 -32.66
N GLY B 254 16.48 -20.69 -32.06
CA GLY B 254 15.52 -21.54 -32.73
C GLY B 254 16.09 -22.75 -33.45
N SER B 255 15.19 -23.58 -33.98
CA SER B 255 15.58 -24.76 -34.73
C SER B 255 16.07 -24.39 -36.12
N SER B 256 16.60 -25.37 -36.84
CA SER B 256 17.15 -25.15 -38.17
C SER B 256 16.07 -24.75 -39.18
N ALA B 257 14.90 -25.35 -39.03
CA ALA B 257 13.78 -25.06 -39.93
C ALA B 257 13.22 -23.66 -39.69
N ALA B 258 13.16 -23.26 -38.43
CA ALA B 258 12.64 -21.95 -38.07
C ALA B 258 13.55 -20.84 -38.58
N GLN B 259 14.86 -21.06 -38.47
CA GLN B 259 15.84 -20.11 -38.98
C GLN B 259 15.77 -20.02 -40.51
N LYS B 260 15.56 -21.17 -41.14
CA LYS B 260 15.46 -21.25 -42.59
C LYS B 260 14.27 -20.46 -43.12
N TYR B 261 13.14 -20.59 -42.43
CA TYR B 261 11.92 -19.88 -42.80
C TYR B 261 12.06 -18.37 -42.59
N LEU B 262 12.73 -17.99 -41.52
CA LEU B 262 12.89 -16.58 -41.17
C LEU B 262 13.77 -15.85 -42.18
N LYS B 263 14.77 -16.54 -42.70
CA LYS B 263 15.67 -15.95 -43.69
C LYS B 263 14.99 -15.79 -45.05
N LYS B 264 14.05 -16.66 -45.34
CA LYS B 264 13.32 -16.60 -46.61
C LYS B 264 12.22 -15.55 -46.58
N LYS B 265 11.96 -15.00 -45.41
CA LYS B 265 10.92 -13.98 -45.25
C LYS B 265 11.41 -12.62 -45.73
N SER B 266 10.49 -11.81 -46.24
CA SER B 266 10.83 -10.49 -46.73
C SER B 266 11.29 -9.58 -45.58
N HIS B 267 12.17 -8.63 -45.89
CA HIS B 267 12.73 -7.76 -44.88
C HIS B 267 11.70 -6.83 -44.26
N ARG B 268 11.60 -6.88 -42.93
CA ARG B 268 10.76 -5.95 -42.19
C ARG B 268 11.65 -5.03 -41.37
N PRO B 269 11.49 -3.70 -41.55
CA PRO B 269 12.32 -2.75 -40.80
C PRO B 269 11.98 -2.76 -39.32
N GLN B 270 12.91 -2.30 -38.49
CA GLN B 270 12.70 -2.27 -37.05
C GLN B 270 11.54 -1.38 -36.68
N ALA B 271 10.83 -1.74 -35.61
CA ALA B 271 9.75 -0.93 -35.12
C ALA B 271 10.23 0.44 -34.68
N ASP B 272 9.51 1.44 -35.14
CA ASP B 272 9.64 2.82 -34.68
C ASP B 272 8.56 2.99 -33.64
N TRP B 273 8.93 2.97 -32.36
CA TRP B 273 7.99 2.91 -31.27
C TRP B 273 7.32 4.26 -31.04
N ARG B 274 7.91 5.29 -31.63
CA ARG B 274 7.37 6.64 -31.51
C ARG B 274 6.08 6.80 -32.32
N GLN B 275 6.02 6.14 -33.48
CA GLN B 275 4.80 6.26 -34.29
C GLN B 275 3.70 5.38 -33.70
N ARG B 276 4.08 4.31 -33.00
CA ARG B 276 3.11 3.46 -32.32
C ARG B 276 2.60 4.10 -31.02
N TYR B 277 3.50 4.78 -30.31
CA TYR B 277 3.13 5.44 -29.06
C TYR B 277 3.63 6.89 -29.04
N PRO B 278 2.86 7.80 -29.64
CA PRO B 278 3.24 9.22 -29.76
C PRO B 278 3.30 9.95 -28.42
N THR B 279 2.56 9.46 -27.43
CA THR B 279 2.46 10.15 -26.14
C THR B 279 3.47 9.59 -25.13
N ALA B 280 3.90 8.36 -25.36
CA ALA B 280 4.81 7.68 -24.43
C ALA B 280 6.15 8.38 -24.28
N SER B 281 6.71 8.30 -23.08
CA SER B 281 8.02 8.88 -22.79
C SER B 281 9.13 8.07 -23.47
N PRO B 282 10.27 8.73 -23.75
CA PRO B 282 11.42 8.02 -24.33
C PRO B 282 11.93 6.89 -23.43
N GLU B 283 11.81 7.07 -22.12
CA GLU B 283 12.23 6.05 -21.17
C GLU B 283 11.37 4.80 -21.30
N ALA B 284 10.06 5.00 -21.50
CA ALA B 284 9.12 3.89 -21.60
C ALA B 284 9.34 3.11 -22.89
N LEU B 285 9.60 3.83 -23.98
CA LEU B 285 9.76 3.21 -25.29
C LEU B 285 11.10 2.49 -25.43
N ASP B 286 12.07 2.88 -24.63
CA ASP B 286 13.37 2.21 -24.65
C ASP B 286 13.30 0.89 -23.90
N LEU B 287 12.66 0.91 -22.74
CA LEU B 287 12.46 -0.30 -21.95
C LEU B 287 11.62 -1.30 -22.73
N LEU B 288 10.61 -0.80 -23.42
CA LEU B 288 9.74 -1.64 -24.24
C LEU B 288 10.54 -2.27 -25.38
N ARG B 289 11.36 -1.47 -26.03
CA ARG B 289 12.21 -1.94 -27.11
C ARG B 289 13.17 -3.03 -26.63
N HIS B 290 13.83 -2.77 -25.51
CA HIS B 290 14.84 -3.68 -24.99
C HIS B 290 14.22 -4.96 -24.44
N MET B 291 13.00 -4.86 -23.93
CA MET B 291 12.28 -6.03 -23.43
C MET B 291 11.86 -6.96 -24.56
N LEU B 292 11.66 -6.38 -25.74
CA LEU B 292 11.18 -7.14 -26.89
C LEU B 292 12.26 -7.32 -27.95
N VAL B 293 13.48 -7.63 -27.49
CA VAL B 293 14.58 -7.93 -28.39
C VAL B 293 14.51 -9.41 -28.78
N PHE B 294 14.67 -9.67 -30.09
CA PHE B 294 14.60 -11.01 -30.63
C PHE B 294 15.53 -11.99 -29.91
N ASN B 295 16.83 -11.70 -29.96
CA ASN B 295 17.82 -12.51 -29.27
C ASN B 295 17.73 -12.30 -27.77
N PRO B 296 17.41 -13.36 -27.01
CA PRO B 296 17.28 -13.26 -25.55
C PRO B 296 18.59 -12.89 -24.86
N LYS B 297 19.71 -13.12 -25.54
CA LYS B 297 21.02 -12.81 -24.97
C LYS B 297 21.32 -11.33 -25.08
N ARG B 298 20.57 -10.62 -25.91
CA ARG B 298 20.70 -9.18 -26.03
C ARG B 298 19.47 -8.49 -25.45
N ARG B 299 18.53 -9.29 -24.98
CA ARG B 299 17.32 -8.80 -24.34
C ARG B 299 17.63 -8.37 -22.91
N ILE B 300 16.95 -7.31 -22.46
CA ILE B 300 17.20 -6.78 -21.11
C ILE B 300 16.85 -7.83 -20.06
N THR B 301 17.66 -7.90 -19.00
CA THR B 301 17.42 -8.84 -17.91
C THR B 301 16.49 -8.20 -16.89
N VAL B 302 15.99 -9.01 -15.96
CA VAL B 302 15.10 -8.53 -14.92
C VAL B 302 15.79 -7.49 -14.04
N LEU B 303 17.02 -7.80 -13.64
CA LEU B 303 17.81 -6.91 -12.80
C LEU B 303 18.06 -5.57 -13.49
N GLN B 304 18.45 -5.64 -14.76
CA GLN B 304 18.71 -4.44 -15.55
C GLN B 304 17.43 -3.63 -15.76
N ALA B 305 16.31 -4.33 -15.95
CA ALA B 305 15.03 -3.68 -16.18
C ALA B 305 14.57 -2.93 -14.93
N MET B 306 14.87 -3.48 -13.76
CA MET B 306 14.52 -2.83 -12.50
C MET B 306 15.34 -1.57 -12.29
N ARG B 307 16.55 -1.56 -12.86
CA ARG B 307 17.46 -0.43 -12.71
C ARG B 307 17.34 0.56 -13.88
N HIS B 308 16.36 0.31 -14.75
CA HIS B 308 16.14 1.18 -15.90
C HIS B 308 15.60 2.53 -15.45
N PRO B 309 16.04 3.61 -16.13
CA PRO B 309 15.62 4.99 -15.82
C PRO B 309 14.10 5.19 -15.80
N PHE B 310 13.35 4.33 -16.46
CA PHE B 310 11.89 4.43 -16.48
C PHE B 310 11.29 4.15 -15.11
N LEU B 311 12.00 3.36 -14.31
CA LEU B 311 11.52 2.98 -12.98
C LEU B 311 12.38 3.60 -11.89
N GLU B 312 13.01 4.73 -12.20
CA GLU B 312 13.96 5.39 -11.32
C GLU B 312 13.42 5.70 -9.91
N GLN B 313 12.22 6.25 -9.85
CA GLN B 313 11.65 6.71 -8.59
C GLN B 313 11.09 5.57 -7.74
N LEU B 314 11.12 4.35 -8.27
CA LEU B 314 10.56 3.20 -7.57
C LEU B 314 11.62 2.21 -7.10
N HIS B 315 12.72 2.12 -7.83
CA HIS B 315 13.75 1.13 -7.55
C HIS B 315 14.57 1.45 -6.29
N ASP B 316 14.70 0.45 -5.43
CA ASP B 316 15.52 0.55 -4.23
C ASP B 316 16.52 -0.61 -4.17
N ASP B 317 17.71 -0.33 -3.67
CA ASP B 317 18.82 -1.28 -3.71
C ASP B 317 18.59 -2.55 -2.88
N ALA B 318 17.62 -2.49 -1.96
CA ALA B 318 17.37 -3.58 -1.04
C ALA B 318 16.90 -4.86 -1.75
N ASP B 319 16.24 -4.72 -2.89
CA ASP B 319 15.69 -5.90 -3.58
C ASP B 319 16.71 -6.55 -4.50
N ASP B 320 17.86 -5.90 -4.69
CA ASP B 320 18.92 -6.46 -5.52
C ASP B 320 19.50 -7.71 -4.89
N TYR B 324 14.34 -15.93 -1.97
CA TYR B 324 15.69 -16.17 -2.47
C TYR B 324 16.13 -17.61 -2.21
N ALA B 325 15.40 -18.30 -1.34
CA ALA B 325 15.61 -19.72 -1.12
C ALA B 325 15.32 -20.48 -2.41
N LEU B 326 16.14 -21.48 -2.70
CA LEU B 326 16.02 -22.23 -3.95
C LEU B 326 14.98 -23.33 -3.87
N PHE B 327 14.05 -23.35 -4.82
CA PHE B 327 12.98 -24.35 -4.84
C PHE B 327 13.52 -25.72 -5.27
N ARG B 328 13.11 -26.75 -4.55
CA ARG B 328 13.52 -28.12 -4.85
C ARG B 328 12.55 -28.82 -5.80
N PHE B 329 13.07 -29.24 -6.95
CA PHE B 329 12.28 -30.00 -7.93
C PHE B 329 12.59 -31.50 -7.85
N ASP B 330 11.71 -32.26 -7.23
CA ASP B 330 11.95 -33.70 -7.07
C ASP B 330 10.77 -34.57 -7.48
N GLU B 331 10.97 -35.88 -7.45
CA GLU B 331 9.98 -36.85 -7.90
C GLU B 331 9.43 -37.69 -6.76
N LYS B 335 6.46 -42.25 -10.75
CA LYS B 335 5.46 -41.47 -10.04
C LYS B 335 4.08 -41.64 -10.67
N THR B 336 3.10 -42.03 -9.86
CA THR B 336 1.74 -42.24 -10.34
C THR B 336 0.81 -41.16 -9.83
N ILE B 337 -0.45 -41.21 -10.29
CA ILE B 337 -1.47 -40.25 -9.86
C ILE B 337 -1.75 -40.41 -8.37
N VAL B 338 -1.71 -41.64 -7.88
CA VAL B 338 -1.89 -41.92 -6.46
C VAL B 338 -0.79 -41.26 -5.63
N ASP B 339 0.44 -41.33 -6.14
CA ASP B 339 1.59 -40.72 -5.47
C ASP B 339 1.44 -39.20 -5.36
N VAL B 340 0.92 -38.59 -6.41
CA VAL B 340 0.70 -37.15 -6.43
C VAL B 340 -0.39 -36.77 -5.44
N LYS B 341 -1.47 -37.56 -5.43
CA LYS B 341 -2.60 -37.32 -4.53
C LYS B 341 -2.17 -37.31 -3.06
N ARG B 342 -1.32 -38.25 -2.69
CA ARG B 342 -0.82 -38.33 -1.32
C ARG B 342 0.11 -37.15 -1.01
N ALA B 343 0.83 -36.70 -2.03
CA ALA B 343 1.76 -35.59 -1.87
C ALA B 343 1.01 -34.27 -1.64
N ILE B 344 -0.13 -34.14 -2.31
CA ILE B 344 -0.98 -32.97 -2.15
C ILE B 344 -1.57 -32.94 -0.74
N TYR B 345 -1.91 -34.13 -0.23
CA TYR B 345 -2.45 -34.26 1.12
C TYR B 345 -1.43 -33.79 2.15
N GLU B 346 -0.16 -34.09 1.89
CA GLU B 346 0.92 -33.68 2.79
C GLU B 346 1.06 -32.16 2.82
N GLU B 347 0.79 -31.52 1.69
CA GLU B 347 0.85 -30.07 1.59
C GLU B 347 -0.32 -29.43 2.32
N SER B 348 -1.41 -30.20 2.49
CA SER B 348 -2.58 -29.72 3.19
C SER B 348 -2.43 -29.88 4.70
N VAL B 349 -1.54 -30.79 5.09
CA VAL B 349 -1.27 -31.04 6.50
C VAL B 349 -0.55 -29.84 7.14
N LYS B 350 0.27 -29.17 6.34
CA LYS B 350 1.07 -28.04 6.82
C LYS B 350 0.23 -26.85 7.30
N PHE B 351 -1.09 -26.97 7.20
CA PHE B 351 -1.98 -25.89 7.64
C PHE B 351 -2.83 -26.33 8.83
MG MG C . 0.29 20.73 12.63
PG ANP D . 4.80 22.23 14.99
O1G ANP D . 5.72 22.91 14.03
O2G ANP D . 5.39 20.83 15.38
O3G ANP D . 4.68 23.12 16.31
PB ANP D . 3.11 22.55 12.74
O1B ANP D . 3.67 23.94 12.59
O2B ANP D . 1.60 22.59 12.35
N3B ANP D . 3.26 22.03 14.33
PA ANP D . 3.18 20.39 11.01
O1A ANP D . 1.80 20.15 11.50
O2A ANP D . 4.10 19.18 11.15
O3A ANP D . 3.89 21.59 11.79
O5' ANP D . 3.08 20.85 9.49
C5' ANP D . 2.16 21.88 9.07
C4' ANP D . 1.50 21.45 7.78
O4' ANP D . 2.49 21.04 6.82
C3' ANP D . 0.57 20.26 7.91
O3' ANP D . -0.73 20.66 8.34
C2' ANP D . 0.54 19.72 6.47
O2' ANP D . -0.41 20.41 5.66
C1' ANP D . 1.97 20.02 5.99
N9 ANP D . 2.87 18.87 6.06
C8 ANP D . 3.61 18.47 7.12
N7 ANP D . 4.33 17.39 6.91
C5 ANP D . 4.02 17.06 5.60
C6 ANP D . 4.45 16.01 4.76
N6 ANP D . 5.31 15.07 5.14
N1 ANP D . 3.94 15.96 3.51
C2 ANP D . 3.07 16.89 3.13
N3 ANP D . 2.60 17.94 3.83
C4 ANP D . 3.12 17.96 5.06
C1 GOL E . 2.54 -21.55 -22.92
O1 GOL E . 1.91 -20.54 -23.68
C2 GOL E . 4.05 -21.41 -23.03
O2 GOL E . 4.55 -20.84 -21.84
C3 GOL E . 4.69 -22.77 -23.28
O3 GOL E . 6.09 -22.63 -23.35
MG MG F . -3.94 -18.43 -15.70
PG ANP G . -3.92 -23.24 -13.87
O1G ANP G . -5.24 -23.73 -13.37
O2G ANP G . -2.98 -22.91 -12.64
O3G ANP G . -3.25 -24.36 -14.75
PB ANP G . -5.62 -21.12 -14.64
O1B ANP G . -6.69 -22.10 -15.00
O2B ANP G . -5.72 -19.90 -15.60
N3B ANP G . -4.11 -21.83 -14.81
PA ANP G . -5.47 -19.15 -12.74
O1A ANP G . -4.78 -18.43 -13.83
O2A ANP G . -4.61 -19.27 -11.47
O3A ANP G . -5.83 -20.64 -13.17
O5' ANP G . -6.83 -18.42 -12.44
C5' ANP G . -7.76 -18.07 -13.49
C4' ANP G . -8.25 -16.66 -13.26
O4' ANP G . -8.80 -16.55 -11.93
C3' ANP G . -7.20 -15.57 -13.35
O3' ANP G . -6.99 -15.17 -14.69
C2' ANP G . -7.82 -14.45 -12.51
O2' ANP G . -8.72 -13.64 -13.26
C1' ANP G . -8.59 -15.24 -11.43
N9 ANP G . -7.88 -15.34 -10.15
C8 ANP G . -6.91 -16.26 -9.81
N7 ANP G . -6.45 -16.10 -8.60
C5 ANP G . -7.14 -15.02 -8.10
C6 ANP G . -7.12 -14.34 -6.87
N6 ANP G . -6.32 -14.69 -5.85
N1 ANP G . -7.95 -13.29 -6.70
C2 ANP G . -8.75 -12.94 -7.70
N3 ANP G . -8.87 -13.49 -8.92
C4 ANP G . -8.04 -14.52 -9.06
#